data_5L95
#
_entry.id   5L95
#
_cell.length_a   139.875
_cell.length_b   139.875
_cell.length_c   99.742
_cell.angle_alpha   90.00
_cell.angle_beta   90.00
_cell.angle_gamma   120.00
#
_symmetry.space_group_name_H-M   'P 32 2 1'
#
loop_
_entity.id
_entity.type
_entity.pdbx_description
1 polymer 'Ubiquitin-like modifier-activating enzyme 5'
2 polymer 'Ubiquitin-fold modifier 1'
3 non-polymer 'ADENOSINE MONOPHOSPHATE'
4 non-polymer 'ZINC ION'
5 water water
#
loop_
_entity_poly.entity_id
_entity_poly.type
_entity_poly.pdbx_seq_one_letter_code
_entity_poly.pdbx_strand_id
1 'polypeptide(L)'
;YEKIRTFAVAIVGVGGVGSVTAEMLTRCGIGKLLLFDYDKVELANMNRLFFQPHQAGLSKVQAAEHTLRNINPDVLFEVH
NYNITTVENFQHFMDRISNGGLEEGKPVDLVLSCVDNFEARMTINTACNELGQTWMESGVSENAVSGHIQLIIPGESACF
ACAPPLVVAANIDEKTLKREGVCAASLPTTMGVVAGILVQNVLKFLLNFGTVSFYLGYNAMQDFFPTMSMKPNPQCDDRN
CRKQQEEYKKKVAALPKQEVIQEEEEIIHEDNEWGIELV
;
A,B
2 'polypeptide(L)' VSFKITLTSDPRLPYKVLSVPESTPFTAVLKFAAEEFKVPAATSAIITNDGIGINPAQTAGNVFLKHGSELRIIPRDRVG C,D
#
loop_
_chem_comp.id
_chem_comp.type
_chem_comp.name
_chem_comp.formula
AMP non-polymer 'ADENOSINE MONOPHOSPHATE' 'C10 H14 N5 O7 P'
ZN non-polymer 'ZINC ION' 'Zn 2'
#
# COMPACT_ATOMS: atom_id res chain seq x y z
N TYR A 1 13.35 -5.67 -15.13
CA TYR A 1 14.44 -6.27 -15.87
C TYR A 1 14.18 -7.76 -16.08
N GLU A 2 14.45 -8.25 -17.29
CA GLU A 2 14.13 -9.64 -17.62
C GLU A 2 14.97 -10.65 -16.86
N LYS A 3 15.87 -10.19 -15.98
CA LYS A 3 16.48 -11.06 -14.99
C LYS A 3 15.44 -11.73 -14.11
N ILE A 4 14.21 -11.19 -14.10
CA ILE A 4 13.11 -11.76 -13.31
C ILE A 4 12.80 -13.18 -13.77
N ARG A 5 13.01 -13.48 -15.05
CA ARG A 5 12.73 -14.81 -15.59
C ARG A 5 13.67 -15.88 -15.02
N THR A 6 14.77 -15.49 -14.39
CA THR A 6 15.71 -16.46 -13.83
C THR A 6 15.33 -16.97 -12.45
N PHE A 7 14.26 -16.46 -11.84
CA PHE A 7 13.94 -16.81 -10.45
C PHE A 7 12.69 -17.67 -10.35
N ALA A 8 12.58 -18.37 -9.22
CA ALA A 8 11.42 -19.18 -8.86
C ALA A 8 10.95 -18.83 -7.46
N VAL A 9 9.63 -18.71 -7.31
CA VAL A 9 9.01 -18.35 -6.05
C VAL A 9 7.98 -19.40 -5.69
N ALA A 10 8.00 -19.86 -4.44
CA ALA A 10 6.98 -20.74 -3.91
C ALA A 10 5.98 -19.90 -3.12
N ILE A 11 4.69 -20.17 -3.33
CA ILE A 11 3.63 -19.49 -2.60
C ILE A 11 2.82 -20.53 -1.85
N VAL A 12 2.73 -20.39 -0.53
CA VAL A 12 1.92 -21.27 0.31
C VAL A 12 0.66 -20.51 0.69
N GLY A 13 -0.49 -21.04 0.29
CA GLY A 13 -1.76 -20.35 0.47
C GLY A 13 -2.11 -19.54 -0.76
N VAL A 14 -3.15 -19.99 -1.48
CA VAL A 14 -3.63 -19.28 -2.66
C VAL A 14 -5.06 -18.82 -2.39
N GLY A 15 -5.22 -18.08 -1.31
CA GLY A 15 -6.45 -17.39 -0.97
C GLY A 15 -6.42 -15.95 -1.45
N GLY A 16 -7.08 -15.08 -0.69
CA GLY A 16 -7.12 -13.66 -1.02
C GLY A 16 -5.77 -13.08 -1.40
N VAL A 17 -4.84 -13.08 -0.44
CA VAL A 17 -3.52 -12.51 -0.68
C VAL A 17 -2.72 -13.36 -1.67
N GLY A 18 -2.70 -14.68 -1.47
CA GLY A 18 -1.86 -15.54 -2.28
C GLY A 18 -2.22 -15.54 -3.76
N SER A 19 -3.52 -15.45 -4.06
CA SER A 19 -3.93 -15.50 -5.47
C SER A 19 -3.58 -14.21 -6.20
N VAL A 20 -3.75 -13.07 -5.54
CA VAL A 20 -3.30 -11.80 -6.11
C VAL A 20 -1.79 -11.80 -6.25
N THR A 21 -1.08 -12.25 -5.21
CA THR A 21 0.37 -12.38 -5.26
C THR A 21 0.81 -13.21 -6.46
N ALA A 22 0.15 -14.35 -6.67
CA ALA A 22 0.50 -15.23 -7.78
C ALA A 22 0.23 -14.56 -9.13
N GLU A 23 -0.90 -13.86 -9.24
CA GLU A 23 -1.19 -13.17 -10.50
C GLU A 23 -0.15 -12.11 -10.80
N MET A 24 0.20 -11.29 -9.80
CA MET A 24 1.17 -10.23 -10.00
C MET A 24 2.51 -10.78 -10.47
N LEU A 25 3.00 -11.84 -9.80
CA LEU A 25 4.28 -12.42 -10.21
C LEU A 25 4.20 -13.07 -11.58
N THR A 26 3.05 -13.65 -11.92
CA THR A 26 2.87 -14.19 -13.26
C THR A 26 2.96 -13.08 -14.32
N ARG A 27 2.26 -11.96 -14.08
CA ARG A 27 2.30 -10.85 -15.02
C ARG A 27 3.67 -10.20 -15.11
N CYS A 28 4.46 -10.26 -14.03
CA CYS A 28 5.82 -9.74 -14.06
C CYS A 28 6.79 -10.63 -14.83
N GLY A 29 6.40 -11.86 -15.17
CA GLY A 29 7.28 -12.77 -15.86
C GLY A 29 8.26 -13.52 -14.99
N ILE A 30 7.88 -13.85 -13.76
CA ILE A 30 8.67 -14.72 -12.89
C ILE A 30 8.97 -16.01 -13.63
N GLY A 31 10.16 -16.57 -13.41
CA GLY A 31 10.52 -17.81 -14.09
C GLY A 31 9.60 -18.97 -13.75
N LYS A 32 9.28 -19.13 -12.47
CA LYS A 32 8.51 -20.28 -12.01
C LYS A 32 7.78 -19.93 -10.73
N LEU A 33 6.53 -20.39 -10.62
CA LEU A 33 5.80 -20.41 -9.37
C LEU A 33 5.58 -21.84 -8.92
N LEU A 34 5.78 -22.08 -7.62
CA LEU A 34 5.29 -23.28 -6.94
C LEU A 34 4.11 -22.88 -6.07
N LEU A 35 2.99 -23.60 -6.21
CA LEU A 35 1.79 -23.26 -5.45
C LEU A 35 1.42 -24.41 -4.53
N PHE A 36 1.17 -24.08 -3.25
CA PHE A 36 0.76 -25.03 -2.23
C PHE A 36 -0.53 -24.52 -1.59
N ASP A 37 -1.54 -25.39 -1.55
CA ASP A 37 -2.80 -25.10 -0.85
C ASP A 37 -3.57 -26.41 -0.70
N TYR A 38 -4.33 -26.53 0.39
CA TYR A 38 -5.10 -27.74 0.63
C TYR A 38 -6.58 -27.61 0.28
N ASP A 39 -7.07 -26.41 -0.01
CA ASP A 39 -8.50 -26.15 -0.07
C ASP A 39 -8.98 -26.06 -1.52
N LYS A 40 -10.30 -26.20 -1.67
CA LYS A 40 -10.96 -26.09 -2.96
C LYS A 40 -11.46 -24.67 -3.20
N VAL A 41 -11.78 -24.37 -4.45
CA VAL A 41 -12.47 -23.12 -4.76
C VAL A 41 -13.92 -23.24 -4.32
N GLU A 42 -14.43 -22.22 -3.64
CA GLU A 42 -15.76 -22.24 -3.06
C GLU A 42 -16.51 -20.97 -3.45
N LEU A 43 -17.81 -21.11 -3.65
CA LEU A 43 -18.69 -19.97 -3.91
C LEU A 43 -20.04 -20.18 -3.22
N PHE A 50 -10.07 -13.50 -7.12
CA PHE A 50 -9.24 -13.97 -8.23
C PHE A 50 -9.91 -15.10 -9.02
N PHE A 51 -10.52 -16.05 -8.32
CA PHE A 51 -11.10 -17.22 -8.96
C PHE A 51 -12.42 -16.85 -9.66
N GLN A 52 -13.01 -17.83 -10.35
CA GLN A 52 -14.14 -17.62 -11.25
C GLN A 52 -15.26 -18.61 -10.93
N PRO A 53 -16.48 -18.37 -11.42
CA PRO A 53 -17.61 -19.20 -10.95
C PRO A 53 -17.49 -20.67 -11.34
N HIS A 54 -17.23 -20.95 -12.62
CA HIS A 54 -17.18 -22.33 -13.09
C HIS A 54 -16.10 -23.14 -12.40
N GLN A 55 -15.16 -22.50 -11.71
CA GLN A 55 -14.04 -23.20 -11.10
C GLN A 55 -14.33 -23.74 -9.72
N ALA A 56 -15.49 -23.43 -9.15
CA ALA A 56 -15.87 -23.95 -7.85
C ALA A 56 -15.82 -25.47 -7.85
N GLY A 57 -15.19 -26.04 -6.83
CA GLY A 57 -15.04 -27.47 -6.71
C GLY A 57 -13.67 -27.98 -7.13
N LEU A 58 -12.91 -27.18 -7.86
CA LEU A 58 -11.56 -27.62 -8.15
C LEU A 58 -10.67 -27.24 -6.98
N SER A 59 -9.50 -27.87 -6.90
CA SER A 59 -8.56 -27.42 -5.90
C SER A 59 -8.08 -26.03 -6.30
N LYS A 60 -7.73 -25.22 -5.30
CA LYS A 60 -7.32 -23.85 -5.56
C LYS A 60 -6.06 -23.81 -6.42
N VAL A 61 -5.08 -24.67 -6.12
CA VAL A 61 -3.82 -24.62 -6.86
C VAL A 61 -4.04 -24.95 -8.33
N GLN A 62 -4.96 -25.86 -8.63
CA GLN A 62 -5.17 -26.22 -10.03
C GLN A 62 -5.95 -25.14 -10.77
N ALA A 63 -6.97 -24.56 -10.14
CA ALA A 63 -7.70 -23.47 -10.77
C ALA A 63 -6.79 -22.28 -11.02
N ALA A 64 -5.94 -21.94 -10.04
CA ALA A 64 -4.97 -20.87 -10.23
C ALA A 64 -4.02 -21.18 -11.38
N GLU A 65 -3.47 -22.39 -11.41
CA GLU A 65 -2.56 -22.79 -12.48
C GLU A 65 -3.25 -22.68 -13.85
N HIS A 66 -4.51 -23.08 -13.94
CA HIS A 66 -5.23 -23.02 -15.20
C HIS A 66 -5.35 -21.59 -15.72
N THR A 67 -5.69 -20.66 -14.82
CA THR A 67 -5.84 -19.27 -15.21
C THR A 67 -4.49 -18.62 -15.49
N LEU A 68 -3.50 -18.87 -14.63
CA LEU A 68 -2.22 -18.18 -14.74
C LEU A 68 -1.42 -18.64 -15.97
N ARG A 69 -1.46 -19.93 -16.30
CA ARG A 69 -0.77 -20.43 -17.49
C ARG A 69 -1.13 -19.65 -18.73
N ASN A 70 -2.42 -19.35 -18.91
CA ASN A 70 -2.83 -18.64 -20.11
C ASN A 70 -2.55 -17.15 -20.02
N ILE A 71 -2.50 -16.59 -18.81
CA ILE A 71 -2.11 -15.19 -18.67
C ILE A 71 -0.66 -15.00 -19.13
N ASN A 72 0.22 -15.92 -18.75
CA ASN A 72 1.63 -15.86 -19.18
C ASN A 72 2.14 -17.26 -19.49
N PRO A 73 2.12 -17.67 -20.76
CA PRO A 73 2.60 -19.01 -21.13
C PRO A 73 4.08 -19.26 -20.85
N ASP A 74 4.87 -18.22 -20.61
CA ASP A 74 6.30 -18.39 -20.39
C ASP A 74 6.66 -18.76 -18.96
N VAL A 75 5.72 -18.62 -18.03
CA VAL A 75 5.96 -18.95 -16.62
C VAL A 75 5.80 -20.45 -16.41
N LEU A 76 6.72 -21.05 -15.65
CA LEU A 76 6.59 -22.45 -15.27
C LEU A 76 5.75 -22.58 -14.00
N PHE A 77 5.01 -23.68 -13.91
CA PHE A 77 4.14 -23.93 -12.76
C PHE A 77 4.32 -25.35 -12.23
N GLU A 78 4.39 -25.44 -10.91
CA GLU A 78 4.31 -26.69 -10.18
C GLU A 78 3.38 -26.46 -8.99
N VAL A 79 2.38 -27.33 -8.83
CA VAL A 79 1.39 -27.12 -7.80
C VAL A 79 1.23 -28.39 -6.99
N HIS A 80 0.81 -28.22 -5.74
CA HIS A 80 0.60 -29.34 -4.83
C HIS A 80 -0.61 -29.02 -3.97
N ASN A 81 -1.57 -29.96 -3.98
CA ASN A 81 -2.82 -29.82 -3.25
C ASN A 81 -2.72 -30.70 -1.99
N TYR A 82 -2.04 -30.19 -0.98
CA TYR A 82 -1.97 -30.93 0.28
C TYR A 82 -1.73 -29.98 1.46
N ASN A 83 -1.91 -30.52 2.66
CA ASN A 83 -1.70 -29.82 3.92
C ASN A 83 -0.24 -30.01 4.33
N ILE A 84 0.53 -28.92 4.32
CA ILE A 84 1.97 -29.02 4.58
C ILE A 84 2.30 -29.37 6.02
N THR A 85 1.32 -29.36 6.93
CA THR A 85 1.60 -29.63 8.34
C THR A 85 1.49 -31.10 8.71
N THR A 86 1.30 -32.00 7.76
CA THR A 86 1.27 -33.41 8.07
C THR A 86 2.61 -34.05 7.76
N VAL A 87 2.88 -35.17 8.41
CA VAL A 87 4.26 -35.67 8.45
C VAL A 87 4.72 -36.08 7.06
N GLU A 88 3.87 -36.76 6.28
CA GLU A 88 4.32 -37.17 4.95
C GLU A 88 4.45 -35.97 4.02
N ASN A 89 3.47 -35.05 4.05
CA ASN A 89 3.51 -33.90 3.16
C ASN A 89 4.60 -32.91 3.55
N PHE A 90 4.90 -32.78 4.85
CA PHE A 90 5.94 -31.85 5.27
C PHE A 90 7.28 -32.18 4.63
N GLN A 91 7.65 -33.46 4.61
CA GLN A 91 8.92 -33.84 4.01
C GLN A 91 8.93 -33.58 2.51
N HIS A 92 7.80 -33.80 1.83
CA HIS A 92 7.72 -33.46 0.42
C HIS A 92 7.82 -31.96 0.21
N PHE A 93 7.16 -31.18 1.07
CA PHE A 93 7.26 -29.72 1.03
C PHE A 93 8.71 -29.26 1.06
N MET A 94 9.49 -29.79 2.01
CA MET A 94 10.89 -29.42 2.11
C MET A 94 11.68 -29.85 0.87
N ASP A 95 11.39 -31.03 0.35
CA ASP A 95 12.06 -31.49 -0.87
C ASP A 95 11.85 -30.50 -2.01
N ARG A 96 10.63 -29.95 -2.13
CA ARG A 96 10.36 -29.09 -3.28
C ARG A 96 10.87 -27.67 -3.07
N ILE A 97 10.97 -27.23 -1.82
CA ILE A 97 11.63 -25.96 -1.54
C ILE A 97 13.09 -26.05 -1.93
N SER A 98 13.74 -27.18 -1.61
CA SER A 98 15.16 -27.38 -1.84
C SER A 98 15.50 -27.67 -3.30
N ASN A 99 14.63 -28.32 -4.04
CA ASN A 99 14.97 -28.77 -5.40
C ASN A 99 13.99 -28.33 -6.47
N GLY A 100 12.95 -27.57 -6.13
CA GLY A 100 11.95 -27.23 -7.12
C GLY A 100 12.16 -25.86 -7.74
N GLY A 101 13.39 -25.34 -7.65
CA GLY A 101 13.73 -24.08 -8.26
C GLY A 101 13.64 -24.11 -9.77
N LEU A 102 13.88 -22.98 -10.42
CA LEU A 102 13.78 -22.89 -11.88
C LEU A 102 14.56 -24.02 -12.55
N GLU A 103 15.78 -24.27 -12.08
CA GLU A 103 16.54 -25.46 -12.44
C GLU A 103 16.29 -26.53 -11.39
N GLU A 104 15.78 -27.69 -11.83
CA GLU A 104 15.51 -28.78 -10.90
C GLU A 104 16.80 -29.22 -10.22
N GLY A 105 16.74 -29.36 -8.91
CA GLY A 105 17.91 -29.61 -8.10
C GLY A 105 18.42 -28.41 -7.33
N LYS A 106 17.97 -27.20 -7.70
CA LYS A 106 18.28 -25.96 -7.02
C LYS A 106 17.09 -25.50 -6.18
N PRO A 107 17.34 -24.79 -5.08
CA PRO A 107 16.22 -24.30 -4.27
C PRO A 107 15.46 -23.18 -4.95
N VAL A 108 14.21 -22.99 -4.51
CA VAL A 108 13.48 -21.79 -4.91
C VAL A 108 14.22 -20.60 -4.33
N ASP A 109 14.05 -19.44 -4.99
CA ASP A 109 14.74 -18.26 -4.53
C ASP A 109 14.01 -17.60 -3.37
N LEU A 110 12.73 -17.89 -3.19
CA LEU A 110 11.94 -17.26 -2.15
C LEU A 110 10.71 -18.13 -1.88
N VAL A 111 10.35 -18.25 -0.61
CA VAL A 111 9.06 -18.80 -0.20
C VAL A 111 8.22 -17.64 0.29
N LEU A 112 6.94 -17.63 -0.08
CA LEU A 112 6.00 -16.65 0.42
C LEU A 112 4.91 -17.36 1.21
N SER A 113 4.69 -16.90 2.44
CA SER A 113 3.64 -17.43 3.30
C SER A 113 2.40 -16.55 3.16
N CYS A 114 1.33 -17.12 2.63
CA CYS A 114 0.04 -16.46 2.53
C CYS A 114 -1.05 -17.34 3.13
N VAL A 115 -0.72 -18.06 4.19
CA VAL A 115 -1.63 -18.96 4.87
C VAL A 115 -2.38 -18.16 5.93
N ASP A 116 -3.47 -18.72 6.47
CA ASP A 116 -4.37 -17.97 7.32
C ASP A 116 -4.46 -18.53 8.75
N ASN A 117 -3.40 -19.19 9.20
CA ASN A 117 -3.32 -19.66 10.58
C ASN A 117 -1.87 -19.69 11.01
N PHE A 118 -1.64 -19.73 12.33
CA PHE A 118 -0.28 -19.71 12.85
C PHE A 118 0.41 -21.06 12.72
N GLU A 119 -0.34 -22.17 12.82
CA GLU A 119 0.26 -23.49 12.69
C GLU A 119 0.98 -23.64 11.36
N ALA A 120 0.34 -23.22 10.26
CA ALA A 120 0.98 -23.34 8.95
C ALA A 120 2.17 -22.42 8.83
N ARG A 121 2.11 -21.23 9.44
CA ARG A 121 3.29 -20.35 9.42
C ARG A 121 4.43 -20.95 10.22
N MET A 122 4.13 -21.58 11.36
CA MET A 122 5.18 -22.24 12.13
C MET A 122 5.78 -23.41 11.36
N THR A 123 4.97 -24.09 10.54
CA THR A 123 5.49 -25.19 9.72
C THR A 123 6.46 -24.66 8.65
N ILE A 124 6.06 -23.60 7.94
CA ILE A 124 6.97 -22.95 6.99
C ILE A 124 8.23 -22.46 7.70
N ASN A 125 8.06 -21.86 8.88
CA ASN A 125 9.18 -21.35 9.64
C ASN A 125 10.17 -22.46 10.00
N THR A 126 9.64 -23.58 10.51
CA THR A 126 10.47 -24.73 10.84
C THR A 126 11.22 -25.24 9.61
N ALA A 127 10.54 -25.32 8.47
CA ALA A 127 11.17 -25.81 7.26
C ALA A 127 12.29 -24.88 6.80
N CYS A 128 12.02 -23.58 6.75
CA CYS A 128 13.00 -22.65 6.21
C CYS A 128 14.22 -22.48 7.12
N ASN A 129 14.04 -22.58 8.44
CA ASN A 129 15.20 -22.56 9.33
C ASN A 129 16.08 -23.78 9.10
N GLU A 130 15.49 -24.97 8.92
CA GLU A 130 16.32 -26.14 8.66
C GLU A 130 17.09 -25.98 7.35
N LEU A 131 16.43 -25.44 6.33
CA LEU A 131 17.01 -25.33 5.00
C LEU A 131 17.91 -24.11 4.84
N GLY A 132 17.79 -23.12 5.72
CA GLY A 132 18.44 -21.84 5.51
C GLY A 132 17.85 -21.13 4.30
N GLN A 133 16.52 -21.11 4.24
CA GLN A 133 15.78 -20.60 3.08
C GLN A 133 15.12 -19.28 3.43
N THR A 134 15.40 -18.26 2.64
CA THR A 134 14.80 -16.94 2.86
C THR A 134 13.33 -16.97 2.44
N TRP A 135 12.48 -16.35 3.25
CA TRP A 135 11.06 -16.28 2.94
C TRP A 135 10.51 -14.95 3.45
N MET A 136 9.33 -14.61 2.96
CA MET A 136 8.56 -13.48 3.46
C MET A 136 7.17 -13.93 3.90
N GLU A 137 6.73 -13.42 5.04
CA GLU A 137 5.44 -13.76 5.61
C GLU A 137 4.51 -12.58 5.47
N SER A 138 3.22 -12.84 5.24
CA SER A 138 2.23 -11.79 5.10
C SER A 138 1.03 -12.11 5.96
N GLY A 139 0.27 -11.08 6.31
CA GLY A 139 -0.95 -11.29 7.05
C GLY A 139 -1.90 -10.12 6.93
N VAL A 140 -3.17 -10.43 7.20
CA VAL A 140 -4.25 -9.45 7.24
C VAL A 140 -5.03 -9.73 8.51
N SER A 141 -5.45 -8.67 9.20
CA SER A 141 -6.17 -8.85 10.45
C SER A 141 -7.59 -9.34 10.18
N GLU A 142 -8.16 -9.99 11.20
CA GLU A 142 -9.54 -10.46 11.13
C GLU A 142 -10.49 -9.38 10.64
N ASN A 143 -10.37 -8.18 11.22
CA ASN A 143 -11.28 -7.08 10.91
C ASN A 143 -10.87 -6.28 9.68
N ALA A 144 -9.83 -6.71 8.97
CA ALA A 144 -9.49 -6.26 7.62
C ALA A 144 -8.92 -4.84 7.54
N VAL A 145 -8.60 -4.20 8.66
CA VAL A 145 -8.10 -2.83 8.65
C VAL A 145 -6.61 -2.78 8.95
N SER A 146 -5.93 -3.93 8.91
CA SER A 146 -4.54 -4.03 9.30
C SER A 146 -3.90 -5.17 8.53
N GLY A 147 -2.62 -5.03 8.24
CA GLY A 147 -1.86 -6.08 7.59
C GLY A 147 -0.39 -5.76 7.64
N HIS A 148 0.41 -6.68 7.13
CA HIS A 148 1.86 -6.49 7.14
C HIS A 148 2.53 -7.51 6.24
N ILE A 149 3.81 -7.24 5.94
CA ILE A 149 4.73 -8.18 5.35
C ILE A 149 6.01 -8.17 6.19
N GLN A 150 6.75 -9.28 6.11
CA GLN A 150 7.96 -9.43 6.91
C GLN A 150 8.94 -10.31 6.17
N LEU A 151 10.22 -9.92 6.16
CA LEU A 151 11.27 -10.68 5.49
C LEU A 151 12.07 -11.46 6.53
N ILE A 152 12.16 -12.78 6.33
CA ILE A 152 12.83 -13.68 7.24
C ILE A 152 13.99 -14.32 6.50
N ILE A 153 15.20 -13.87 6.81
CA ILE A 153 16.43 -14.51 6.38
C ILE A 153 16.95 -15.28 7.58
N PRO A 154 16.78 -16.61 7.62
CA PRO A 154 17.14 -17.36 8.83
C PRO A 154 18.56 -17.07 9.28
N GLY A 155 18.70 -16.72 10.55
CA GLY A 155 19.97 -16.35 11.13
C GLY A 155 20.29 -14.87 11.08
N GLU A 156 19.73 -14.14 10.12
CA GLU A 156 20.03 -12.73 9.93
C GLU A 156 18.92 -11.82 10.44
N SER A 157 17.66 -12.12 10.12
CA SER A 157 16.52 -11.44 10.69
C SER A 157 15.68 -12.42 11.50
N ALA A 158 14.79 -11.88 12.32
CA ALA A 158 13.98 -12.71 13.20
C ALA A 158 13.16 -13.72 12.40
N CYS A 159 13.11 -14.94 12.90
CA CYS A 159 12.19 -15.93 12.35
C CYS A 159 10.83 -15.76 13.04
N PHE A 160 9.83 -16.49 12.55
CA PHE A 160 8.50 -16.32 13.10
C PHE A 160 8.41 -16.79 14.55
N ALA A 161 9.28 -17.72 14.95
CA ALA A 161 9.31 -18.17 16.33
C ALA A 161 10.12 -17.28 17.26
N CYS A 162 10.91 -16.34 16.72
CA CYS A 162 11.66 -15.43 17.57
C CYS A 162 10.75 -14.51 18.38
N ALA A 163 9.63 -14.10 17.79
CA ALA A 163 8.66 -13.21 18.44
C ALA A 163 7.27 -13.81 18.25
N PRO A 164 6.98 -14.92 18.92
CA PRO A 164 5.73 -15.62 18.67
C PRO A 164 4.55 -14.82 19.18
N PRO A 165 3.41 -14.89 18.52
CA PRO A 165 2.19 -14.33 19.09
C PRO A 165 1.84 -15.04 20.39
N LEU A 166 1.06 -14.35 21.22
CA LEU A 166 0.72 -14.85 22.54
C LEU A 166 0.18 -16.27 22.51
N VAL A 167 -0.77 -16.56 21.61
CA VAL A 167 -1.41 -17.88 21.59
C VAL A 167 -0.38 -18.97 21.33
N VAL A 168 0.59 -18.70 20.46
CA VAL A 168 1.62 -19.68 20.16
C VAL A 168 2.53 -19.88 21.38
N ALA A 169 2.95 -18.78 22.00
CA ALA A 169 3.85 -18.88 23.15
C ALA A 169 3.16 -19.59 24.32
N ALA A 170 1.87 -19.34 24.51
CA ALA A 170 1.11 -19.98 25.58
C ALA A 170 0.57 -21.36 25.17
N ASN A 171 0.96 -21.84 23.99
CA ASN A 171 0.52 -23.14 23.43
C ASN A 171 -0.98 -23.36 23.58
N ILE A 172 -1.75 -22.30 23.43
CA ILE A 172 -3.20 -22.45 23.35
C ILE A 172 -3.56 -22.84 21.93
N ASP A 173 -4.63 -23.62 21.79
CA ASP A 173 -5.08 -24.08 20.48
C ASP A 173 -5.82 -22.95 19.75
N GLU A 174 -5.50 -22.75 18.47
CA GLU A 174 -6.13 -21.69 17.68
C GLU A 174 -7.65 -21.84 17.67
N LYS A 175 -8.29 -21.39 18.75
CA LYS A 175 -9.73 -21.58 18.94
C LYS A 175 -10.56 -20.52 18.24
N THR A 176 -10.10 -19.26 18.22
CA THR A 176 -10.82 -18.19 17.53
C THR A 176 -10.41 -18.11 16.07
N SER A 186 -14.52 -4.94 2.90
CA SER A 186 -13.24 -4.27 3.14
C SER A 186 -12.06 -5.22 3.05
N LEU A 187 -12.32 -6.51 3.22
CA LEU A 187 -11.29 -7.53 3.02
C LEU A 187 -10.59 -7.44 1.66
N PRO A 188 -11.28 -7.28 0.53
CA PRO A 188 -10.57 -7.31 -0.76
C PRO A 188 -9.59 -6.17 -0.94
N THR A 189 -9.92 -5.00 -0.39
CA THR A 189 -9.03 -3.85 -0.51
C THR A 189 -7.74 -4.08 0.26
N THR A 190 -7.85 -4.46 1.53
CA THR A 190 -6.68 -4.70 2.37
C THR A 190 -5.82 -5.83 1.81
N MET A 191 -6.44 -6.91 1.35
CA MET A 191 -5.69 -7.99 0.74
C MET A 191 -4.94 -7.52 -0.50
N GLY A 192 -5.58 -6.68 -1.31
CA GLY A 192 -4.91 -6.18 -2.51
C GLY A 192 -3.70 -5.33 -2.18
N VAL A 193 -3.81 -4.50 -1.14
CA VAL A 193 -2.66 -3.70 -0.68
C VAL A 193 -1.54 -4.61 -0.20
N VAL A 194 -1.87 -5.60 0.63
CA VAL A 194 -0.83 -6.45 1.21
C VAL A 194 -0.12 -7.26 0.12
N ALA A 195 -0.88 -7.79 -0.84
CA ALA A 195 -0.24 -8.54 -1.93
C ALA A 195 0.64 -7.64 -2.79
N GLY A 196 0.15 -6.45 -3.15
CA GLY A 196 0.96 -5.53 -3.94
C GLY A 196 2.24 -5.17 -3.21
N ILE A 197 2.12 -4.90 -1.91
CA ILE A 197 3.25 -4.56 -1.07
C ILE A 197 4.20 -5.75 -0.92
N LEU A 198 3.64 -6.97 -0.81
CA LEU A 198 4.44 -8.19 -0.78
C LEU A 198 5.25 -8.37 -2.05
N VAL A 199 4.59 -8.26 -3.21
CA VAL A 199 5.29 -8.55 -4.46
C VAL A 199 6.30 -7.45 -4.79
N GLN A 200 5.99 -6.20 -4.44
CA GLN A 200 6.99 -5.14 -4.59
C GLN A 200 8.27 -5.48 -3.83
N ASN A 201 8.13 -5.99 -2.61
CA ASN A 201 9.32 -6.35 -1.84
C ASN A 201 10.04 -7.53 -2.48
N VAL A 202 9.29 -8.47 -3.05
CA VAL A 202 9.87 -9.59 -3.79
C VAL A 202 10.73 -9.08 -4.94
N LEU A 203 10.18 -8.16 -5.74
CA LEU A 203 10.91 -7.64 -6.89
C LEU A 203 12.18 -6.92 -6.44
N LYS A 204 12.08 -6.08 -5.41
CA LYS A 204 13.25 -5.36 -4.93
C LYS A 204 14.31 -6.33 -4.38
N PHE A 205 13.88 -7.38 -3.70
CA PHE A 205 14.81 -8.38 -3.18
C PHE A 205 15.49 -9.13 -4.32
N LEU A 206 14.70 -9.63 -5.28
CA LEU A 206 15.26 -10.46 -6.34
C LEU A 206 16.09 -9.64 -7.32
N LEU A 207 15.59 -8.48 -7.74
CA LEU A 207 16.24 -7.67 -8.76
C LEU A 207 17.18 -6.62 -8.17
N ASN A 208 17.20 -6.48 -6.84
CA ASN A 208 18.17 -5.64 -6.14
C ASN A 208 18.09 -4.17 -6.59
N PHE A 209 16.87 -3.64 -6.61
CA PHE A 209 16.67 -2.20 -6.71
C PHE A 209 15.90 -1.69 -5.51
N GLY A 210 16.09 -0.42 -5.19
CA GLY A 210 15.40 0.18 -4.06
C GLY A 210 15.88 -0.36 -2.72
N THR A 211 15.02 -0.18 -1.72
CA THR A 211 15.28 -0.64 -0.37
C THR A 211 14.31 -1.76 -0.02
N VAL A 212 14.84 -2.90 0.39
CA VAL A 212 14.01 -4.01 0.82
C VAL A 212 13.57 -3.75 2.26
N SER A 213 12.28 -3.90 2.52
CA SER A 213 11.76 -3.79 3.87
C SER A 213 11.85 -5.14 4.56
N PHE A 214 12.44 -5.14 5.75
CA PHE A 214 12.40 -6.34 6.59
C PHE A 214 11.08 -6.46 7.33
N TYR A 215 10.35 -5.36 7.46
CA TYR A 215 9.00 -5.36 8.00
C TYR A 215 8.30 -4.13 7.47
N LEU A 216 7.08 -4.31 6.97
CA LEU A 216 6.26 -3.19 6.53
C LEU A 216 4.83 -3.46 6.95
N GLY A 217 4.31 -2.62 7.84
CA GLY A 217 2.96 -2.74 8.31
C GLY A 217 2.00 -1.86 7.53
N TYR A 218 0.71 -2.16 7.65
CA TYR A 218 -0.34 -1.39 7.00
C TYR A 218 -1.48 -1.20 7.98
N ASN A 219 -1.74 0.04 8.34
CA ASN A 219 -2.84 0.43 9.21
C ASN A 219 -3.83 1.20 8.34
N ALA A 220 -4.90 0.52 7.93
CA ALA A 220 -5.83 1.12 6.97
C ALA A 220 -6.66 2.24 7.58
N MET A 221 -6.86 2.22 8.90
CA MET A 221 -7.69 3.24 9.54
C MET A 221 -7.04 4.62 9.45
N GLN A 222 -5.72 4.68 9.59
CA GLN A 222 -5.01 5.95 9.68
C GLN A 222 -3.93 6.10 8.61
N ASP A 223 -3.89 5.20 7.63
CA ASP A 223 -2.93 5.26 6.53
C ASP A 223 -1.50 5.38 7.07
N PHE A 224 -1.18 4.51 8.02
CA PHE A 224 0.13 4.47 8.68
C PHE A 224 0.83 3.19 8.23
N PHE A 225 2.06 3.34 7.74
CA PHE A 225 2.80 2.24 7.11
C PHE A 225 4.15 2.09 7.81
N PRO A 226 4.16 1.62 9.05
CA PRO A 226 5.43 1.53 9.79
C PRO A 226 6.37 0.50 9.18
N THR A 227 7.64 0.88 9.10
CA THR A 227 8.71 -0.05 8.78
C THR A 227 9.56 -0.29 10.00
N MET A 228 10.09 -1.50 10.12
CA MET A 228 11.04 -1.81 11.17
C MET A 228 11.91 -2.97 10.68
N SER A 229 12.90 -3.32 11.49
CA SER A 229 13.84 -4.39 11.17
C SER A 229 13.97 -5.26 12.40
N MET A 230 13.44 -6.46 12.33
CA MET A 230 13.39 -7.35 13.48
C MET A 230 14.56 -8.32 13.46
N LYS A 231 15.18 -8.47 14.61
CA LYS A 231 16.42 -9.17 14.76
C LYS A 231 16.22 -10.49 15.48
N PRO A 232 17.11 -11.46 15.24
CA PRO A 232 16.92 -12.77 15.84
C PRO A 232 17.02 -12.75 17.35
N ASN A 233 16.27 -13.67 17.95
CA ASN A 233 16.30 -13.96 19.38
C ASN A 233 17.37 -15.02 19.63
N PRO A 234 18.45 -14.70 20.37
CA PRO A 234 19.49 -15.72 20.60
C PRO A 234 19.00 -16.95 21.33
N GLN A 235 17.86 -16.88 22.02
CA GLN A 235 17.28 -18.05 22.67
C GLN A 235 15.95 -18.43 22.05
N CYS A 236 15.83 -18.26 20.74
CA CYS A 236 14.65 -18.72 20.00
C CYS A 236 14.37 -20.19 20.28
N ASP A 237 13.09 -20.55 20.38
CA ASP A 237 12.75 -21.96 20.58
C ASP A 237 13.20 -22.83 19.42
N ASP A 238 13.33 -22.28 18.22
CA ASP A 238 13.69 -23.09 17.07
C ASP A 238 15.20 -23.24 17.06
N ARG A 239 15.63 -24.47 17.26
CA ARG A 239 17.04 -24.79 17.35
C ARG A 239 17.79 -24.46 16.06
N ASN A 240 17.13 -24.60 14.91
CA ASN A 240 17.79 -24.27 13.65
C ASN A 240 17.89 -22.77 13.43
N CYS A 241 16.96 -21.99 13.98
CA CYS A 241 17.16 -20.54 14.01
C CYS A 241 18.47 -20.20 14.73
N ARG A 242 18.68 -20.77 15.92
CA ARG A 242 19.91 -20.54 16.67
C ARG A 242 21.15 -20.95 15.87
N LYS A 243 21.09 -22.11 15.21
CA LYS A 243 22.24 -22.55 14.44
C LYS A 243 22.48 -21.68 13.21
N GLN A 244 21.40 -21.20 12.58
CA GLN A 244 21.60 -20.27 11.47
C GLN A 244 22.13 -18.93 11.95
N GLN A 245 21.82 -18.55 13.19
CA GLN A 245 22.41 -17.34 13.75
C GLN A 245 23.93 -17.47 13.87
N GLU A 246 24.41 -18.63 14.34
CA GLU A 246 25.85 -18.86 14.40
C GLU A 246 26.48 -18.83 13.01
N GLU A 247 25.83 -19.46 12.03
CA GLU A 247 26.36 -19.48 10.67
C GLU A 247 26.40 -18.08 10.07
N TYR A 248 25.35 -17.29 10.29
CA TYR A 248 25.35 -15.92 9.80
C TYR A 248 26.54 -15.14 10.35
N LYS A 249 26.81 -15.28 11.65
CA LYS A 249 27.93 -14.56 12.25
C LYS A 249 29.26 -15.02 11.67
N LYS A 250 29.42 -16.33 11.45
CA LYS A 250 30.65 -16.80 10.79
C LYS A 250 30.75 -16.26 9.37
N LYS A 251 29.64 -16.20 8.65
CA LYS A 251 29.67 -15.71 7.27
C LYS A 251 30.01 -14.23 7.20
N VAL A 252 29.42 -13.42 8.10
CA VAL A 252 29.74 -11.98 8.13
C VAL A 252 31.22 -11.78 8.39
N ALA A 253 31.79 -12.53 9.34
CA ALA A 253 33.21 -12.41 9.61
C ALA A 253 34.08 -12.75 8.40
N ALA A 254 33.55 -13.42 7.39
CA ALA A 254 34.35 -13.93 6.27
C ALA A 254 34.28 -13.15 4.96
N LEU A 255 33.53 -12.05 4.89
CA LEU A 255 33.30 -11.29 3.63
C LEU A 255 34.59 -10.63 3.17
N PRO A 256 34.60 -9.85 2.01
CA PRO A 256 35.79 -9.86 1.16
C PRO A 256 36.75 -11.06 1.29
N GLU A 266 26.64 14.94 -11.13
CA GLU A 266 25.64 14.29 -11.96
C GLU A 266 24.61 15.29 -12.52
N ILE A 267 24.57 16.52 -12.03
CA ILE A 267 23.42 17.36 -12.25
C ILE A 267 23.63 18.23 -13.49
N ILE A 268 22.91 17.88 -14.56
CA ILE A 268 22.85 18.65 -15.81
C ILE A 268 21.60 19.53 -15.77
N HIS A 269 21.74 20.77 -16.26
CA HIS A 269 20.60 21.68 -16.42
C HIS A 269 20.46 22.05 -17.90
N GLU A 270 19.54 21.39 -18.61
CA GLU A 270 19.27 21.69 -20.02
C GLU A 270 18.95 23.16 -20.19
N ASP A 271 19.98 24.01 -20.31
CA ASP A 271 19.93 25.48 -20.33
C ASP A 271 19.98 26.04 -18.92
N ASN A 272 20.35 27.31 -18.81
CA ASN A 272 19.97 28.17 -17.68
C ASN A 272 20.41 29.59 -17.99
N GLU A 273 19.61 30.31 -18.76
CA GLU A 273 19.91 31.69 -19.13
C GLU A 273 19.33 32.69 -18.13
N TRP A 274 18.81 32.20 -17.00
CA TRP A 274 18.05 33.02 -16.06
C TRP A 274 18.86 33.46 -14.85
N GLY A 275 19.96 32.77 -14.53
CA GLY A 275 20.75 33.12 -13.38
C GLY A 275 20.28 32.53 -12.07
N ILE A 276 19.70 31.34 -12.09
CA ILE A 276 19.30 30.65 -10.87
C ILE A 276 20.55 30.08 -10.22
N GLU A 277 20.79 30.43 -8.96
CA GLU A 277 21.95 29.94 -8.23
C GLU A 277 21.51 28.90 -7.21
N LEU A 278 22.08 27.71 -7.30
CA LEU A 278 22.10 26.83 -6.14
C LEU A 278 22.97 27.43 -5.06
N VAL A 279 22.51 27.39 -3.82
CA VAL A 279 23.20 28.09 -2.74
C VAL A 279 23.28 27.20 -1.50
N TYR B 1 -20.09 -2.85 5.63
CA TYR B 1 -21.48 -2.57 5.95
C TYR B 1 -22.36 -2.51 4.72
N GLU B 2 -23.58 -3.04 4.86
CA GLU B 2 -24.53 -3.16 3.77
C GLU B 2 -25.04 -1.82 3.26
N LYS B 3 -24.73 -0.72 3.93
CA LYS B 3 -25.06 0.59 3.36
C LYS B 3 -24.21 0.92 2.14
N ILE B 4 -23.22 0.08 1.83
CA ILE B 4 -22.42 0.25 0.62
C ILE B 4 -23.28 0.11 -0.63
N ARG B 5 -24.32 -0.73 -0.59
CA ARG B 5 -25.22 -0.90 -1.73
C ARG B 5 -26.02 0.35 -2.05
N THR B 6 -26.00 1.34 -1.16
CA THR B 6 -26.73 2.61 -1.33
C THR B 6 -26.00 3.61 -2.23
N PHE B 7 -24.75 3.35 -2.60
CA PHE B 7 -23.95 4.36 -3.28
C PHE B 7 -23.66 3.97 -4.73
N ALA B 8 -23.32 4.99 -5.52
CA ALA B 8 -22.90 4.83 -6.90
C ALA B 8 -21.59 5.58 -7.11
N VAL B 9 -20.65 4.94 -7.80
CA VAL B 9 -19.33 5.50 -8.06
C VAL B 9 -19.08 5.48 -9.56
N ALA B 10 -18.60 6.60 -10.10
CA ALA B 10 -18.17 6.69 -11.49
C ALA B 10 -16.66 6.54 -11.56
N ILE B 11 -16.18 5.71 -12.49
CA ILE B 11 -14.76 5.50 -12.70
C ILE B 11 -14.43 5.91 -14.12
N VAL B 12 -13.49 6.85 -14.26
CA VAL B 12 -13.02 7.30 -15.56
C VAL B 12 -11.65 6.67 -15.80
N GLY B 13 -11.54 5.88 -16.85
CA GLY B 13 -10.34 5.13 -17.13
C GLY B 13 -10.38 3.75 -16.51
N VAL B 14 -10.46 2.72 -17.36
CA VAL B 14 -10.46 1.34 -16.88
C VAL B 14 -9.20 0.64 -17.39
N GLY B 15 -8.06 1.25 -17.15
CA GLY B 15 -6.78 0.62 -17.40
C GLY B 15 -6.31 -0.07 -16.15
N GLY B 16 -5.00 -0.12 -15.98
CA GLY B 16 -4.41 -0.79 -14.83
C GLY B 16 -5.07 -0.48 -13.50
N VAL B 17 -5.02 0.78 -13.08
CA VAL B 17 -5.59 1.16 -11.80
C VAL B 17 -7.12 1.07 -11.84
N GLY B 18 -7.72 1.59 -12.91
CA GLY B 18 -9.18 1.66 -12.95
C GLY B 18 -9.86 0.31 -12.93
N SER B 19 -9.27 -0.69 -13.59
CA SER B 19 -9.90 -2.00 -13.64
C SER B 19 -9.82 -2.72 -12.30
N VAL B 20 -8.67 -2.63 -11.62
CA VAL B 20 -8.57 -3.19 -10.28
C VAL B 20 -9.51 -2.46 -9.34
N THR B 21 -9.55 -1.13 -9.44
CA THR B 21 -10.49 -0.32 -8.68
C THR B 21 -11.93 -0.78 -8.89
N ALA B 22 -12.32 -1.03 -10.14
CA ALA B 22 -13.68 -1.48 -10.41
C ALA B 22 -13.95 -2.86 -9.82
N GLU B 23 -12.99 -3.78 -9.93
CA GLU B 23 -13.18 -5.11 -9.35
C GLU B 23 -13.35 -5.04 -7.84
N MET B 24 -12.50 -4.27 -7.16
CA MET B 24 -12.59 -4.15 -5.71
C MET B 24 -13.95 -3.63 -5.27
N LEU B 25 -14.43 -2.56 -5.90
CA LEU B 25 -15.74 -2.02 -5.53
C LEU B 25 -16.88 -2.97 -5.87
N THR B 26 -16.75 -3.71 -6.95
CA THR B 26 -17.75 -4.74 -7.27
C THR B 26 -17.80 -5.80 -6.18
N ARG B 27 -16.63 -6.31 -5.75
CA ARG B 27 -16.61 -7.33 -4.72
C ARG B 27 -17.13 -6.80 -3.38
N CYS B 28 -16.99 -5.49 -3.14
CA CYS B 28 -17.55 -4.88 -1.92
C CYS B 28 -19.07 -4.73 -1.97
N GLY B 29 -19.68 -4.89 -3.14
CA GLY B 29 -21.12 -4.72 -3.24
C GLY B 29 -21.57 -3.29 -3.38
N ILE B 30 -20.79 -2.45 -4.07
CA ILE B 30 -21.23 -1.10 -4.39
C ILE B 30 -22.56 -1.17 -5.12
N GLY B 31 -23.42 -0.18 -4.87
CA GLY B 31 -24.72 -0.17 -5.52
C GLY B 31 -24.63 -0.09 -7.04
N LYS B 32 -23.76 0.79 -7.55
CA LYS B 32 -23.68 1.02 -8.97
C LYS B 32 -22.30 1.54 -9.35
N LEU B 33 -21.77 1.04 -10.46
CA LEU B 33 -20.60 1.62 -11.09
C LEU B 33 -20.99 2.23 -12.44
N LEU B 34 -20.45 3.42 -12.70
CA LEU B 34 -20.43 4.02 -14.03
C LEU B 34 -18.99 3.98 -14.53
N LEU B 35 -18.79 3.46 -15.74
CA LEU B 35 -17.44 3.35 -16.29
C LEU B 35 -17.34 4.14 -17.59
N PHE B 36 -16.29 4.96 -17.68
CA PHE B 36 -16.02 5.80 -18.85
C PHE B 36 -14.61 5.50 -19.36
N ASP B 37 -14.49 5.23 -20.65
CA ASP B 37 -13.18 5.10 -21.29
C ASP B 37 -13.39 5.16 -22.80
N TYR B 38 -12.33 5.47 -23.54
CA TYR B 38 -12.37 5.63 -24.99
C TYR B 38 -11.39 4.66 -25.65
N ASP B 39 -11.85 3.98 -26.69
CA ASP B 39 -10.96 3.22 -27.57
C ASP B 39 -10.78 3.98 -28.86
N GLY B 57 -14.38 -7.87 -31.37
CA GLY B 57 -13.93 -7.25 -30.13
C GLY B 57 -14.90 -6.25 -29.52
N LEU B 58 -14.88 -6.17 -28.20
CA LEU B 58 -15.58 -5.17 -27.41
C LEU B 58 -14.68 -3.98 -27.06
N SER B 59 -15.32 -2.89 -26.67
CA SER B 59 -14.65 -1.74 -26.06
C SER B 59 -14.21 -2.09 -24.64
N LYS B 60 -13.28 -1.28 -24.11
CA LYS B 60 -12.74 -1.56 -22.77
C LYS B 60 -13.85 -1.54 -21.71
N VAL B 61 -14.73 -0.54 -21.75
CA VAL B 61 -15.76 -0.44 -20.73
C VAL B 61 -16.70 -1.64 -20.81
N GLN B 62 -16.94 -2.15 -22.01
CA GLN B 62 -17.86 -3.28 -22.16
C GLN B 62 -17.21 -4.57 -21.67
N ALA B 63 -15.93 -4.77 -21.98
CA ALA B 63 -15.24 -5.97 -21.49
C ALA B 63 -15.18 -5.97 -19.96
N ALA B 64 -14.88 -4.81 -19.36
CA ALA B 64 -14.89 -4.70 -17.91
C ALA B 64 -16.26 -5.03 -17.32
N GLU B 65 -17.32 -4.42 -17.88
CA GLU B 65 -18.67 -4.67 -17.40
C GLU B 65 -18.99 -6.15 -17.41
N HIS B 66 -18.57 -6.84 -18.47
CA HIS B 66 -18.91 -8.26 -18.62
C HIS B 66 -18.26 -9.09 -17.50
N THR B 67 -16.99 -8.82 -17.19
CA THR B 67 -16.34 -9.61 -16.15
C THR B 67 -16.91 -9.26 -14.79
N LEU B 68 -17.19 -7.98 -14.55
CA LEU B 68 -17.65 -7.54 -13.23
C LEU B 68 -19.05 -8.05 -12.95
N ARG B 69 -19.94 -8.04 -13.96
CA ARG B 69 -21.29 -8.59 -13.78
C ARG B 69 -21.26 -10.00 -13.21
N ASN B 70 -20.32 -10.84 -13.68
CA ASN B 70 -20.28 -12.21 -13.18
C ASN B 70 -19.74 -12.29 -11.77
N ILE B 71 -18.83 -11.39 -11.43
CA ILE B 71 -18.26 -11.39 -10.08
C ILE B 71 -19.33 -11.04 -9.06
N ASN B 72 -20.17 -10.04 -9.35
CA ASN B 72 -21.27 -9.68 -8.46
C ASN B 72 -22.50 -9.28 -9.27
N PRO B 73 -23.44 -10.19 -9.49
CA PRO B 73 -24.65 -9.85 -10.27
C PRO B 73 -25.53 -8.79 -9.64
N ASP B 74 -25.34 -8.46 -8.35
CA ASP B 74 -26.21 -7.49 -7.69
C ASP B 74 -25.82 -6.04 -7.96
N VAL B 75 -24.64 -5.79 -8.52
CA VAL B 75 -24.17 -4.44 -8.82
C VAL B 75 -24.79 -3.97 -10.13
N LEU B 76 -25.26 -2.74 -10.14
CA LEU B 76 -25.74 -2.12 -11.38
C LEU B 76 -24.57 -1.47 -12.12
N PHE B 77 -24.66 -1.50 -13.44
CA PHE B 77 -23.60 -1.00 -14.31
C PHE B 77 -24.19 -0.09 -15.39
N GLU B 78 -23.50 1.02 -15.62
CA GLU B 78 -23.74 1.86 -16.78
C GLU B 78 -22.38 2.22 -17.36
N VAL B 79 -22.18 2.02 -18.65
CA VAL B 79 -20.88 2.22 -19.26
C VAL B 79 -21.00 3.10 -20.49
N HIS B 80 -19.93 3.83 -20.78
CA HIS B 80 -19.90 4.77 -21.90
C HIS B 80 -18.52 4.76 -22.54
N ASN B 81 -18.49 4.50 -23.84
CA ASN B 81 -17.25 4.46 -24.62
C ASN B 81 -17.18 5.72 -25.47
N TYR B 82 -16.67 6.80 -24.87
CA TYR B 82 -16.42 8.02 -25.63
C TYR B 82 -15.31 8.83 -24.96
N ASN B 83 -14.84 9.84 -25.70
CA ASN B 83 -13.81 10.77 -25.23
C ASN B 83 -14.49 11.94 -24.52
N ILE B 84 -14.32 12.03 -23.20
CA ILE B 84 -15.00 13.06 -22.42
C ILE B 84 -14.49 14.47 -22.69
N THR B 85 -13.34 14.61 -23.36
CA THR B 85 -12.74 15.90 -23.64
C THR B 85 -13.20 16.51 -24.98
N THR B 86 -14.27 15.99 -25.59
CA THR B 86 -14.91 16.64 -26.73
C THR B 86 -16.21 17.29 -26.28
N VAL B 87 -16.67 18.28 -27.05
CA VAL B 87 -17.74 19.18 -26.59
C VAL B 87 -19.05 18.42 -26.39
N GLU B 88 -19.44 17.58 -27.35
CA GLU B 88 -20.71 16.87 -27.23
C GLU B 88 -20.65 15.82 -26.13
N ASN B 89 -19.57 15.06 -26.05
CA ASN B 89 -19.47 14.03 -25.01
C ASN B 89 -19.30 14.63 -23.62
N PHE B 90 -18.62 15.76 -23.52
CA PHE B 90 -18.40 16.37 -22.21
C PHE B 90 -19.72 16.70 -21.52
N GLN B 91 -20.66 17.28 -22.27
CA GLN B 91 -21.96 17.61 -21.67
C GLN B 91 -22.70 16.35 -21.27
N HIS B 92 -22.57 15.29 -22.06
CA HIS B 92 -23.13 13.99 -21.68
C HIS B 92 -22.48 13.46 -20.42
N PHE B 93 -21.16 13.59 -20.33
CA PHE B 93 -20.44 13.21 -19.13
C PHE B 93 -21.00 13.91 -17.90
N MET B 94 -21.17 15.23 -17.98
CA MET B 94 -21.72 15.98 -16.86
C MET B 94 -23.15 15.56 -16.54
N ASP B 95 -23.96 15.30 -17.57
CA ASP B 95 -25.33 14.82 -17.34
C ASP B 95 -25.35 13.55 -16.50
N ARG B 96 -24.44 12.61 -16.78
CA ARG B 96 -24.46 11.34 -16.08
C ARG B 96 -23.84 11.43 -14.69
N ILE B 97 -22.90 12.34 -14.48
CA ILE B 97 -22.42 12.59 -13.12
C ILE B 97 -23.56 13.15 -12.27
N SER B 98 -24.35 14.07 -12.84
CA SER B 98 -25.42 14.72 -12.10
C SER B 98 -26.64 13.83 -11.92
N ASN B 99 -26.91 12.91 -12.85
CA ASN B 99 -28.15 12.15 -12.79
C ASN B 99 -27.97 10.64 -12.87
N GLY B 100 -26.75 10.14 -12.92
CA GLY B 100 -26.56 8.72 -13.11
C GLY B 100 -26.32 7.99 -11.81
N GLY B 101 -26.71 8.59 -10.70
CA GLY B 101 -26.60 7.94 -9.41
C GLY B 101 -27.50 6.72 -9.32
N LEU B 102 -27.40 6.05 -8.18
CA LEU B 102 -28.17 4.82 -7.96
C LEU B 102 -29.64 5.04 -8.29
N GLU B 103 -30.20 6.15 -7.84
CA GLU B 103 -31.51 6.60 -8.26
C GLU B 103 -31.36 7.58 -9.42
N GLU B 104 -31.98 7.27 -10.55
CA GLU B 104 -31.91 8.14 -11.71
C GLU B 104 -32.45 9.52 -11.36
N GLY B 105 -31.68 10.55 -11.73
CA GLY B 105 -31.98 11.92 -11.37
C GLY B 105 -31.14 12.46 -10.23
N LYS B 106 -30.44 11.59 -9.47
CA LYS B 106 -29.53 11.97 -8.40
C LYS B 106 -28.09 11.83 -8.85
N PRO B 107 -27.17 12.61 -8.30
CA PRO B 107 -25.77 12.50 -8.70
C PRO B 107 -25.12 11.23 -8.17
N VAL B 108 -24.03 10.84 -8.84
CA VAL B 108 -23.18 9.81 -8.29
C VAL B 108 -22.56 10.33 -6.99
N ASP B 109 -22.21 9.41 -6.11
CA ASP B 109 -21.63 9.81 -4.83
C ASP B 109 -20.15 10.13 -4.92
N LEU B 110 -19.47 9.63 -5.97
CA LEU B 110 -18.04 9.83 -6.12
C LEU B 110 -17.66 9.63 -7.59
N VAL B 111 -16.74 10.46 -8.07
CA VAL B 111 -16.05 10.23 -9.32
C VAL B 111 -14.62 9.82 -8.98
N LEU B 112 -14.11 8.80 -9.67
CA LEU B 112 -12.73 8.39 -9.52
C LEU B 112 -12.02 8.58 -10.85
N SER B 113 -10.91 9.31 -10.82
CA SER B 113 -10.10 9.53 -12.01
C SER B 113 -8.97 8.51 -12.05
N CYS B 114 -8.98 7.66 -13.07
CA CYS B 114 -7.92 6.69 -13.30
C CYS B 114 -7.42 6.80 -14.74
N VAL B 115 -7.39 8.03 -15.26
CA VAL B 115 -6.97 8.28 -16.63
C VAL B 115 -5.46 8.46 -16.66
N ASP B 116 -4.86 8.42 -17.83
CA ASP B 116 -3.40 8.34 -17.94
C ASP B 116 -2.79 9.56 -18.63
N ASN B 117 -3.47 10.71 -18.57
CA ASN B 117 -2.92 11.96 -19.08
C ASN B 117 -3.51 13.12 -18.30
N PHE B 118 -2.86 14.28 -18.41
CA PHE B 118 -3.31 15.46 -17.68
C PHE B 118 -4.54 16.12 -18.31
N GLU B 119 -4.66 16.08 -19.64
CA GLU B 119 -5.82 16.68 -20.30
C GLU B 119 -7.12 16.10 -19.78
N ALA B 120 -7.19 14.77 -19.66
CA ALA B 120 -8.41 14.14 -19.16
C ALA B 120 -8.64 14.46 -17.68
N ARG B 121 -7.57 14.59 -16.90
CA ARG B 121 -7.74 15.00 -15.51
C ARG B 121 -8.27 16.43 -15.42
N MET B 122 -7.77 17.32 -16.29
CA MET B 122 -8.27 18.69 -16.29
C MET B 122 -9.74 18.75 -16.71
N THR B 123 -10.16 17.85 -17.61
CA THR B 123 -11.56 17.80 -18.02
C THR B 123 -12.45 17.36 -16.88
N ILE B 124 -12.08 16.27 -16.19
CA ILE B 124 -12.84 15.86 -15.01
C ILE B 124 -12.88 16.97 -13.98
N ASN B 125 -11.74 17.63 -13.77
CA ASN B 125 -11.65 18.72 -12.80
C ASN B 125 -12.58 19.87 -13.17
N THR B 126 -12.56 20.27 -14.44
CA THR B 126 -13.47 21.31 -14.91
C THR B 126 -14.92 20.93 -14.67
N ALA B 127 -15.27 19.67 -14.96
CA ALA B 127 -16.64 19.21 -14.76
C ALA B 127 -17.04 19.22 -13.29
N CYS B 128 -16.18 18.68 -12.44
CA CYS B 128 -16.53 18.56 -11.02
C CYS B 128 -16.54 19.92 -10.32
N ASN B 129 -15.68 20.85 -10.75
CA ASN B 129 -15.76 22.20 -10.19
C ASN B 129 -17.08 22.87 -10.52
N GLU B 130 -17.56 22.69 -11.75
CA GLU B 130 -18.84 23.26 -12.14
C GLU B 130 -19.99 22.64 -11.34
N LEU B 131 -19.94 21.31 -11.14
CA LEU B 131 -21.04 20.61 -10.49
C LEU B 131 -20.97 20.63 -8.97
N GLY B 132 -19.82 20.98 -8.40
CA GLY B 132 -19.64 20.78 -6.97
C GLY B 132 -19.63 19.32 -6.60
N GLN B 133 -18.92 18.51 -7.38
CA GLN B 133 -18.92 17.06 -7.25
C GLN B 133 -17.58 16.61 -6.67
N THR B 134 -17.63 15.87 -5.57
CA THR B 134 -16.41 15.36 -4.97
C THR B 134 -15.85 14.19 -5.77
N TRP B 135 -14.54 14.18 -5.93
CA TRP B 135 -13.88 13.12 -6.68
C TRP B 135 -12.52 12.82 -6.07
N MET B 136 -11.98 11.67 -6.45
CA MET B 136 -10.62 11.31 -6.11
C MET B 136 -9.83 11.08 -7.38
N GLU B 137 -8.59 11.55 -7.37
CA GLU B 137 -7.68 11.41 -8.49
C GLU B 137 -6.58 10.44 -8.07
N SER B 138 -6.11 9.65 -9.03
CA SER B 138 -5.06 8.69 -8.78
C SER B 138 -4.04 8.77 -9.90
N GLY B 139 -2.82 8.32 -9.59
CA GLY B 139 -1.80 8.26 -10.61
C GLY B 139 -0.68 7.30 -10.25
N VAL B 140 0.04 6.89 -11.29
CA VAL B 140 1.23 6.07 -11.19
C VAL B 140 2.28 6.68 -12.10
N SER B 141 3.53 6.71 -11.65
CA SER B 141 4.57 7.34 -12.44
C SER B 141 4.94 6.46 -13.64
N GLU B 142 5.51 7.09 -14.66
CA GLU B 142 5.95 6.37 -15.85
C GLU B 142 6.81 5.16 -15.50
N ASN B 143 7.76 5.34 -14.59
CA ASN B 143 8.72 4.29 -14.24
C ASN B 143 8.22 3.35 -13.14
N ALA B 144 6.97 3.49 -12.71
CA ALA B 144 6.24 2.52 -11.90
C ALA B 144 6.71 2.44 -10.45
N VAL B 145 7.55 3.36 -9.98
CA VAL B 145 8.05 3.32 -8.62
C VAL B 145 7.42 4.39 -7.75
N SER B 146 6.35 5.03 -8.22
CA SER B 146 5.72 6.13 -7.51
C SER B 146 4.25 6.18 -7.91
N GLY B 147 3.40 6.61 -6.97
CA GLY B 147 1.99 6.80 -7.24
C GLY B 147 1.35 7.56 -6.11
N HIS B 148 0.06 7.84 -6.26
CA HIS B 148 -0.63 8.62 -5.24
C HIS B 148 -2.14 8.55 -5.45
N ILE B 149 -2.87 8.97 -4.40
CA ILE B 149 -4.28 9.28 -4.48
C ILE B 149 -4.51 10.64 -3.82
N GLN B 150 -5.58 11.30 -4.23
CA GLN B 150 -5.88 12.63 -3.75
C GLN B 150 -7.39 12.84 -3.74
N LEU B 151 -7.88 13.44 -2.66
CA LEU B 151 -9.30 13.71 -2.50
C LEU B 151 -9.56 15.17 -2.83
N ILE B 152 -10.47 15.41 -3.77
CA ILE B 152 -10.80 16.75 -4.21
C ILE B 152 -12.27 17.00 -3.92
N ILE B 153 -12.53 17.80 -2.89
CA ILE B 153 -13.85 18.32 -2.57
C ILE B 153 -13.86 19.77 -3.04
N PRO B 154 -14.48 20.09 -4.18
CA PRO B 154 -14.38 21.44 -4.73
C PRO B 154 -14.74 22.51 -3.70
N GLY B 155 -13.84 23.48 -3.55
CA GLY B 155 -13.99 24.56 -2.61
C GLY B 155 -13.36 24.29 -1.25
N GLU B 156 -13.23 23.02 -0.86
CA GLU B 156 -12.74 22.65 0.46
C GLU B 156 -11.28 22.19 0.41
N SER B 157 -10.94 21.34 -0.55
CA SER B 157 -9.55 20.95 -0.79
C SER B 157 -9.14 21.41 -2.17
N ALA B 158 -7.83 21.41 -2.42
CA ALA B 158 -7.29 21.86 -3.69
C ALA B 158 -7.88 21.07 -4.84
N CYS B 159 -8.23 21.75 -5.93
CA CYS B 159 -8.58 21.05 -7.15
C CYS B 159 -7.32 20.79 -7.96
N PHE B 160 -7.46 20.03 -9.04
CA PHE B 160 -6.27 19.65 -9.79
C PHE B 160 -5.62 20.85 -10.47
N ALA B 161 -6.39 21.90 -10.76
CA ALA B 161 -5.83 23.11 -11.35
C ALA B 161 -5.22 24.06 -10.32
N CYS B 162 -5.46 23.82 -9.02
CA CYS B 162 -4.84 24.66 -7.99
C CYS B 162 -3.33 24.53 -7.99
N ALA B 163 -2.83 23.33 -8.27
CA ALA B 163 -1.39 23.05 -8.28
C ALA B 163 -1.06 22.28 -9.56
N PRO B 164 -1.08 22.97 -10.70
CA PRO B 164 -0.92 22.26 -11.96
C PRO B 164 0.51 21.77 -12.12
N PRO B 165 0.71 20.62 -12.78
CA PRO B 165 2.07 20.20 -13.13
C PRO B 165 2.71 21.19 -14.08
N LEU B 166 4.04 21.19 -14.09
CA LEU B 166 4.80 22.14 -14.89
C LEU B 166 4.35 22.15 -16.35
N VAL B 167 4.21 20.97 -16.95
CA VAL B 167 3.87 20.90 -18.37
C VAL B 167 2.53 21.56 -18.66
N VAL B 168 1.57 21.43 -17.74
CA VAL B 168 0.28 22.10 -17.92
C VAL B 168 0.43 23.61 -17.73
N ALA B 169 1.14 24.02 -16.68
CA ALA B 169 1.28 25.44 -16.40
C ALA B 169 2.05 26.16 -17.50
N ALA B 170 3.03 25.49 -18.09
CA ALA B 170 3.84 26.04 -19.17
C ALA B 170 3.19 25.87 -20.54
N ASN B 171 1.93 25.43 -20.58
CA ASN B 171 1.17 25.18 -21.81
C ASN B 171 1.94 24.36 -22.83
N ILE B 172 2.79 23.45 -22.39
CA ILE B 172 3.43 22.54 -23.32
C ILE B 172 2.51 21.37 -23.61
N ASP B 173 2.57 20.86 -24.84
CA ASP B 173 1.76 19.72 -25.25
C ASP B 173 2.37 18.43 -24.70
N GLU B 174 1.52 17.55 -24.15
CA GLU B 174 1.98 16.29 -23.56
C GLU B 174 2.73 15.40 -24.55
N LYS B 175 2.92 15.90 -25.78
CA LYS B 175 3.69 15.27 -26.86
C LYS B 175 3.66 13.74 -26.90
N SER B 186 7.00 -4.32 -13.15
CA SER B 186 6.85 -3.57 -11.91
C SER B 186 5.57 -2.75 -11.90
N LEU B 187 5.06 -2.44 -13.09
CA LEU B 187 3.77 -1.78 -13.21
C LEU B 187 2.64 -2.47 -12.47
N PRO B 188 2.47 -3.81 -12.53
CA PRO B 188 1.28 -4.42 -11.90
C PRO B 188 1.25 -4.28 -10.38
N THR B 189 2.40 -4.32 -9.71
CA THR B 189 2.43 -4.19 -8.26
C THR B 189 2.02 -2.77 -7.84
N THR B 190 2.67 -1.76 -8.41
CA THR B 190 2.37 -0.37 -8.07
C THR B 190 0.92 -0.03 -8.38
N MET B 191 0.41 -0.47 -9.53
CA MET B 191 -1.00 -0.25 -9.85
C MET B 191 -1.92 -0.90 -8.84
N GLY B 192 -1.57 -2.11 -8.39
CA GLY B 192 -2.39 -2.78 -7.39
C GLY B 192 -2.38 -2.06 -6.05
N VAL B 193 -1.23 -1.55 -5.64
CA VAL B 193 -1.15 -0.77 -4.40
C VAL B 193 -2.01 0.49 -4.50
N VAL B 194 -1.86 1.24 -5.60
CA VAL B 194 -2.58 2.49 -5.75
C VAL B 194 -4.09 2.25 -5.79
N ALA B 195 -4.52 1.22 -6.53
CA ALA B 195 -5.95 0.91 -6.56
C ALA B 195 -6.47 0.51 -5.19
N GLY B 196 -5.69 -0.31 -4.46
CA GLY B 196 -6.12 -0.71 -3.13
C GLY B 196 -6.30 0.46 -2.19
N ILE B 197 -5.32 1.36 -2.14
CA ILE B 197 -5.48 2.51 -1.24
C ILE B 197 -6.58 3.45 -1.76
N LEU B 198 -6.75 3.56 -3.07
CA LEU B 198 -7.86 4.36 -3.60
C LEU B 198 -9.20 3.84 -3.10
N VAL B 199 -9.43 2.53 -3.20
CA VAL B 199 -10.73 1.98 -2.83
C VAL B 199 -10.91 1.99 -1.31
N GLN B 200 -9.83 1.77 -0.56
CA GLN B 200 -9.90 1.93 0.89
C GLN B 200 -10.37 3.33 1.27
N ASN B 201 -9.84 4.34 0.58
CA ASN B 201 -10.24 5.72 0.85
C ASN B 201 -11.68 5.94 0.45
N VAL B 202 -12.12 5.32 -0.65
CA VAL B 202 -13.52 5.37 -1.05
C VAL B 202 -14.42 4.82 0.05
N LEU B 203 -14.09 3.63 0.56
CA LEU B 203 -14.91 3.00 1.59
C LEU B 203 -14.97 3.86 2.85
N LYS B 204 -13.83 4.38 3.29
CA LYS B 204 -13.80 5.23 4.47
C LYS B 204 -14.62 6.50 4.26
N PHE B 205 -14.55 7.09 3.06
CA PHE B 205 -15.33 8.29 2.77
C PHE B 205 -16.82 7.98 2.75
N LEU B 206 -17.23 6.93 2.02
CA LEU B 206 -18.65 6.63 1.88
C LEU B 206 -19.26 6.11 3.18
N LEU B 207 -18.57 5.18 3.84
CA LEU B 207 -19.11 4.54 5.03
C LEU B 207 -18.69 5.22 6.33
N ASN B 208 -17.83 6.23 6.25
CA ASN B 208 -17.49 7.08 7.40
C ASN B 208 -16.88 6.29 8.55
N PHE B 209 -15.89 5.46 8.25
CA PHE B 209 -15.04 4.87 9.27
C PHE B 209 -13.59 5.26 9.00
N GLY B 210 -12.80 5.27 10.08
CA GLY B 210 -11.39 5.59 9.95
C GLY B 210 -11.18 7.06 9.59
N THR B 211 -9.98 7.33 9.07
CA THR B 211 -9.60 8.68 8.67
C THR B 211 -9.44 8.72 7.16
N VAL B 212 -10.14 9.64 6.52
CA VAL B 212 -10.02 9.82 5.08
C VAL B 212 -8.75 10.61 4.80
N SER B 213 -7.96 10.14 3.85
CA SER B 213 -6.77 10.85 3.41
C SER B 213 -7.15 11.84 2.32
N PHE B 214 -6.75 13.10 2.49
CA PHE B 214 -6.87 14.05 1.41
C PHE B 214 -5.76 13.92 0.39
N TYR B 215 -4.64 13.30 0.80
CA TYR B 215 -3.56 12.96 -0.12
C TYR B 215 -2.79 11.82 0.52
N LEU B 216 -2.51 10.78 -0.28
CA LEU B 216 -1.68 9.67 0.17
C LEU B 216 -0.75 9.28 -0.97
N GLY B 217 0.55 9.46 -0.76
CA GLY B 217 1.53 9.13 -1.76
C GLY B 217 2.10 7.73 -1.52
N TYR B 218 2.76 7.22 -2.55
CA TYR B 218 3.42 5.92 -2.48
C TYR B 218 4.75 6.01 -3.19
N ASN B 219 5.83 5.83 -2.43
CA ASN B 219 7.19 5.79 -2.98
C ASN B 219 7.64 4.35 -2.82
N ALA B 220 7.61 3.60 -3.93
CA ALA B 220 7.90 2.18 -3.89
C ALA B 220 9.38 1.89 -3.64
N MET B 221 10.27 2.83 -3.98
CA MET B 221 11.70 2.58 -3.77
C MET B 221 12.04 2.50 -2.29
N GLN B 222 11.40 3.33 -1.46
CA GLN B 222 11.77 3.44 -0.05
C GLN B 222 10.60 3.16 0.88
N ASP B 223 9.48 2.65 0.36
CA ASP B 223 8.32 2.30 1.18
C ASP B 223 7.89 3.46 2.06
N PHE B 224 7.76 4.62 1.43
CA PHE B 224 7.37 5.87 2.09
C PHE B 224 5.99 6.25 1.58
N PHE B 225 5.07 6.51 2.52
CA PHE B 225 3.66 6.74 2.22
C PHE B 225 3.24 8.08 2.81
N PRO B 226 3.71 9.19 2.26
CA PRO B 226 3.39 10.50 2.84
C PRO B 226 1.92 10.83 2.73
N THR B 227 1.38 11.40 3.80
CA THR B 227 0.05 11.99 3.76
C THR B 227 0.18 13.51 3.83
N MET B 228 -0.76 14.19 3.19
CA MET B 228 -0.83 15.64 3.19
C MET B 228 -2.29 16.04 3.07
N SER B 229 -2.53 17.34 3.20
CA SER B 229 -3.86 17.91 3.04
C SER B 229 -3.68 19.18 2.22
N MET B 230 -4.07 19.13 0.95
CA MET B 230 -3.80 20.23 0.05
C MET B 230 -4.99 21.17 -0.03
N LYS B 231 -4.70 22.47 0.02
CA LYS B 231 -5.67 23.51 0.21
C LYS B 231 -5.90 24.29 -1.09
N PRO B 232 -7.09 24.85 -1.28
CA PRO B 232 -7.38 25.59 -2.52
C PRO B 232 -6.55 26.86 -2.61
N ASN B 233 -6.23 27.26 -3.84
CA ASN B 233 -5.61 28.55 -4.08
C ASN B 233 -6.69 29.59 -4.35
N PRO B 234 -6.74 30.69 -3.59
CA PRO B 234 -7.80 31.68 -3.80
C PRO B 234 -7.81 32.28 -5.20
N GLN B 235 -6.72 32.21 -5.95
CA GLN B 235 -6.65 32.70 -7.32
C GLN B 235 -6.41 31.58 -8.31
N CYS B 236 -6.98 30.41 -8.02
CA CYS B 236 -6.95 29.29 -8.96
C CYS B 236 -7.46 29.73 -10.33
N ASP B 237 -6.84 29.19 -11.37
CA ASP B 237 -7.24 29.50 -12.74
C ASP B 237 -8.68 29.11 -13.00
N ASP B 238 -9.19 28.09 -12.32
CA ASP B 238 -10.53 27.58 -12.55
C ASP B 238 -11.48 28.43 -11.73
N ARG B 239 -12.27 29.26 -12.39
CA ARG B 239 -13.14 30.19 -11.68
C ARG B 239 -14.25 29.48 -10.92
N ASN B 240 -14.60 28.26 -11.32
CA ASN B 240 -15.58 27.50 -10.57
C ASN B 240 -14.99 26.94 -9.29
N CYS B 241 -13.69 26.65 -9.29
CA CYS B 241 -13.01 26.36 -8.03
C CYS B 241 -13.17 27.52 -7.07
N ARG B 242 -12.91 28.74 -7.55
CA ARG B 242 -13.05 29.93 -6.73
C ARG B 242 -14.46 30.08 -6.18
N LYS B 243 -15.48 29.88 -7.02
CA LYS B 243 -16.85 30.03 -6.55
C LYS B 243 -17.20 28.97 -5.52
N GLN B 244 -16.73 27.75 -5.71
CA GLN B 244 -16.97 26.72 -4.70
C GLN B 244 -16.22 27.02 -3.40
N GLN B 245 -15.09 27.71 -3.50
CA GLN B 245 -14.39 28.16 -2.28
C GLN B 245 -15.25 29.14 -1.51
N GLU B 246 -15.90 30.07 -2.21
CA GLU B 246 -16.80 31.00 -1.56
C GLU B 246 -17.94 30.28 -0.86
N GLU B 247 -18.55 29.31 -1.54
CA GLU B 247 -19.66 28.58 -0.95
C GLU B 247 -19.22 27.75 0.24
N TYR B 248 -18.05 27.13 0.15
CA TYR B 248 -17.52 26.37 1.29
C TYR B 248 -17.40 27.25 2.52
N LYS B 249 -16.82 28.45 2.35
CA LYS B 249 -16.66 29.36 3.48
C LYS B 249 -18.01 29.78 4.05
N LYS B 250 -19.00 29.96 3.18
CA LYS B 250 -20.34 30.30 3.67
C LYS B 250 -20.90 29.18 4.50
N LYS B 251 -20.73 27.95 4.05
CA LYS B 251 -21.27 26.80 4.76
C LYS B 251 -20.56 26.61 6.09
N VAL B 252 -19.24 26.79 6.12
CA VAL B 252 -18.51 26.71 7.38
C VAL B 252 -19.03 27.76 8.35
N ALA B 253 -19.23 28.98 7.86
CA ALA B 253 -19.77 30.07 8.68
C ALA B 253 -21.15 29.76 9.24
N ALA B 254 -21.84 28.76 8.69
CA ALA B 254 -23.23 28.49 9.07
C ALA B 254 -23.35 27.46 10.18
N LEU B 255 -22.24 26.89 10.64
CA LEU B 255 -22.04 26.60 12.06
C LEU B 255 -20.54 26.69 12.31
N HIS B 269 -10.19 -5.37 31.97
CA HIS B 269 -9.41 -6.53 32.38
C HIS B 269 -10.33 -7.55 33.04
N GLU B 270 -10.74 -8.57 32.26
CA GLU B 270 -11.66 -9.59 32.76
C GLU B 270 -11.17 -10.23 34.06
N ASP B 271 -9.89 -10.13 34.35
CA ASP B 271 -9.20 -10.76 35.47
C ASP B 271 -7.88 -10.02 35.61
N ASN B 272 -7.28 -10.14 36.79
CA ASN B 272 -5.87 -9.78 36.97
C ASN B 272 -5.42 -10.31 38.32
N GLU B 273 -4.95 -11.55 38.31
CA GLU B 273 -4.54 -12.22 39.53
C GLU B 273 -3.11 -11.90 39.93
N TRP B 274 -2.40 -11.08 39.14
CA TRP B 274 -0.97 -10.93 39.33
C TRP B 274 -0.56 -9.63 40.01
N GLY B 275 -1.41 -8.62 40.04
CA GLY B 275 -1.01 -7.37 40.64
C GLY B 275 -0.26 -6.48 39.69
N ILE B 276 -0.60 -6.53 38.40
CA ILE B 276 -0.03 -5.62 37.43
C ILE B 276 -0.68 -4.26 37.61
N GLU B 277 0.14 -3.24 37.82
CA GLU B 277 -0.33 -1.87 38.02
C GLU B 277 0.02 -1.04 36.80
N LEU B 278 -1.01 -0.44 36.19
CA LEU B 278 -0.76 0.67 35.29
C LEU B 278 -0.22 1.84 36.10
N VAL B 279 0.76 2.55 35.53
CA VAL B 279 1.52 3.54 36.28
C VAL B 279 1.60 4.82 35.46
N VAL C 1 9.54 -4.94 39.01
CA VAL C 1 10.04 -4.52 37.71
C VAL C 1 9.01 -3.70 36.96
N SER C 2 9.48 -2.76 36.15
CA SER C 2 8.62 -1.88 35.37
C SER C 2 9.01 -1.93 33.91
N PHE C 3 8.00 -1.80 33.05
CA PHE C 3 8.16 -1.84 31.61
C PHE C 3 7.41 -0.67 30.99
N LYS C 4 7.99 -0.10 29.94
CA LYS C 4 7.31 0.84 29.08
C LYS C 4 7.06 0.15 27.74
N ILE C 5 5.80 -0.07 27.41
CA ILE C 5 5.40 -0.85 26.25
C ILE C 5 4.70 0.06 25.26
N THR C 6 5.24 0.15 24.05
CA THR C 6 4.77 1.03 22.98
C THR C 6 4.03 0.21 21.93
N LEU C 7 2.89 0.75 21.46
CA LEU C 7 2.11 0.13 20.38
C LEU C 7 2.62 0.64 19.04
N THR C 8 3.29 -0.23 18.27
CA THR C 8 3.93 0.15 17.03
C THR C 8 2.96 0.40 15.88
N SER C 9 1.74 -0.10 15.96
CA SER C 9 0.82 -0.05 14.83
C SER C 9 0.00 1.23 14.77
N ASP C 10 0.15 2.12 15.77
CA ASP C 10 -0.57 3.37 15.89
C ASP C 10 0.36 4.54 15.59
N PRO C 11 -0.02 5.44 14.68
CA PRO C 11 0.87 6.55 14.31
C PRO C 11 1.32 7.40 15.49
N ARG C 12 0.54 7.47 16.57
CA ARG C 12 0.88 8.21 17.77
C ARG C 12 1.95 7.53 18.62
N LEU C 13 2.26 6.27 18.35
CA LEU C 13 3.15 5.47 19.18
C LEU C 13 2.80 5.61 20.66
N PRO C 14 1.56 5.32 21.06
CA PRO C 14 1.20 5.44 22.47
C PRO C 14 1.86 4.32 23.27
N TYR C 15 2.03 4.57 24.56
CA TYR C 15 2.70 3.62 25.41
C TYR C 15 1.97 3.47 26.73
N LYS C 16 2.23 2.36 27.41
CA LYS C 16 1.76 2.11 28.76
C LYS C 16 2.95 1.73 29.62
N VAL C 17 2.98 2.18 30.86
CA VAL C 17 4.03 1.81 31.80
C VAL C 17 3.41 0.88 32.83
N LEU C 18 3.92 -0.35 32.88
CA LEU C 18 3.38 -1.38 33.74
C LEU C 18 4.41 -1.75 34.81
N SER C 19 3.95 -1.86 36.04
CA SER C 19 4.77 -2.30 37.17
C SER C 19 4.25 -3.65 37.61
N VAL C 20 5.15 -4.62 37.75
CA VAL C 20 4.72 -6.02 37.84
C VAL C 20 5.67 -6.82 38.72
N PRO C 21 5.17 -7.76 39.53
CA PRO C 21 6.06 -8.61 40.33
C PRO C 21 6.98 -9.46 39.45
N GLU C 22 8.22 -9.62 39.91
CA GLU C 22 9.24 -10.34 39.16
C GLU C 22 8.78 -11.71 38.66
N SER C 23 7.96 -12.40 39.44
CA SER C 23 7.63 -13.79 39.10
C SER C 23 6.45 -13.90 38.15
N THR C 24 5.75 -12.80 37.87
CA THR C 24 4.65 -12.84 36.93
C THR C 24 5.13 -13.36 35.58
N PRO C 25 4.43 -14.33 34.98
CA PRO C 25 4.77 -14.72 33.61
C PRO C 25 4.52 -13.55 32.67
N PHE C 26 5.49 -13.29 31.79
CA PHE C 26 5.35 -12.12 30.94
C PHE C 26 4.17 -12.24 29.98
N THR C 27 3.68 -13.46 29.72
CA THR C 27 2.46 -13.63 28.94
C THR C 27 1.30 -12.84 29.55
N ALA C 28 1.22 -12.79 30.88
CA ALA C 28 0.17 -12.01 31.51
C ALA C 28 0.40 -10.51 31.33
N VAL C 29 1.66 -10.08 31.30
CA VAL C 29 1.96 -8.67 31.07
C VAL C 29 1.58 -8.28 29.64
N LEU C 30 1.91 -9.13 28.67
CA LEU C 30 1.54 -8.85 27.27
C LEU C 30 0.03 -8.77 27.11
N LYS C 31 -0.70 -9.71 27.70
CA LYS C 31 -2.15 -9.68 27.68
C LYS C 31 -2.70 -8.38 28.27
N PHE C 32 -2.20 -8.00 29.44
CA PHE C 32 -2.66 -6.78 30.11
C PHE C 32 -2.39 -5.56 29.25
N ALA C 33 -1.21 -5.49 28.63
CA ALA C 33 -0.86 -4.35 27.80
C ALA C 33 -1.75 -4.26 26.56
N ALA C 34 -2.01 -5.41 25.91
CA ALA C 34 -2.89 -5.41 24.74
C ALA C 34 -4.29 -4.96 25.11
N GLU C 35 -4.78 -5.37 26.28
CA GLU C 35 -6.11 -4.97 26.71
C GLU C 35 -6.18 -3.46 26.96
N GLU C 36 -5.12 -2.88 27.52
CA GLU C 36 -5.05 -1.43 27.70
C GLU C 36 -5.09 -0.70 26.36
N PHE C 37 -4.43 -1.28 25.34
CA PHE C 37 -4.44 -0.73 23.99
C PHE C 37 -5.69 -1.10 23.21
N LYS C 38 -6.51 -2.01 23.75
CA LYS C 38 -7.65 -2.59 23.05
C LYS C 38 -7.27 -3.10 21.66
N VAL C 39 -6.19 -3.86 21.62
CA VAL C 39 -5.84 -4.69 20.47
C VAL C 39 -5.93 -6.14 20.93
N PRO C 40 -6.12 -7.09 20.02
CA PRO C 40 -6.30 -8.49 20.44
C PRO C 40 -5.03 -9.03 21.09
N ALA C 41 -5.16 -9.52 22.32
CA ALA C 41 -4.01 -10.09 23.03
C ALA C 41 -3.48 -11.33 22.33
N ALA C 42 -4.39 -12.17 21.84
CA ALA C 42 -4.01 -13.49 21.35
C ALA C 42 -3.01 -13.40 20.20
N THR C 43 -3.13 -12.38 19.35
CA THR C 43 -2.28 -12.23 18.18
C THR C 43 -1.17 -11.21 18.39
N SER C 44 -1.01 -10.68 19.60
CA SER C 44 0.06 -9.74 19.87
C SER C 44 1.38 -10.43 20.13
N ALA C 45 2.46 -9.81 19.67
CA ALA C 45 3.82 -10.24 19.97
C ALA C 45 4.61 -9.05 20.50
N ILE C 46 5.82 -9.31 20.99
CA ILE C 46 6.58 -8.29 21.71
C ILE C 46 8.05 -8.36 21.32
N ILE C 47 8.64 -7.19 21.07
CA ILE C 47 10.05 -7.04 20.70
C ILE C 47 10.69 -5.96 21.57
N THR C 48 12.02 -5.91 21.54
CA THR C 48 12.72 -4.84 22.25
C THR C 48 12.78 -3.58 21.39
N ASN C 49 13.27 -2.50 22.00
CA ASN C 49 13.48 -1.26 21.27
C ASN C 49 14.43 -1.47 20.09
N ASP C 50 15.43 -2.35 20.24
CA ASP C 50 16.33 -2.69 19.15
C ASP C 50 15.70 -3.61 18.11
N GLY C 51 14.48 -4.08 18.33
CA GLY C 51 13.85 -4.98 17.40
C GLY C 51 14.13 -6.44 17.61
N ILE C 52 14.66 -6.83 18.76
CA ILE C 52 14.93 -8.24 19.03
C ILE C 52 13.64 -8.91 19.48
N GLY C 53 13.31 -10.03 18.84
CA GLY C 53 12.10 -10.75 19.21
C GLY C 53 12.22 -11.36 20.60
N ILE C 54 11.09 -11.41 21.29
CA ILE C 54 11.02 -11.95 22.64
C ILE C 54 9.94 -13.01 22.66
N ASN C 55 10.24 -14.16 23.25
CA ASN C 55 9.20 -15.14 23.55
C ASN C 55 8.68 -14.80 24.94
N PRO C 56 7.41 -14.37 25.08
CA PRO C 56 6.91 -13.93 26.39
C PRO C 56 6.81 -15.04 27.43
N ALA C 57 7.02 -16.30 27.05
CA ALA C 57 6.84 -17.41 27.98
C ALA C 57 8.08 -17.54 28.86
N GLN C 58 8.23 -16.53 29.73
CA GLN C 58 9.27 -16.48 30.75
C GLN C 58 8.81 -15.43 31.77
N THR C 59 9.53 -15.36 32.88
CA THR C 59 9.12 -14.45 33.94
C THR C 59 9.37 -13.00 33.53
N ALA C 60 8.59 -12.10 34.11
CA ALA C 60 8.81 -10.67 33.91
C ALA C 60 10.22 -10.27 34.36
N GLY C 61 10.67 -10.83 35.50
CA GLY C 61 12.04 -10.62 35.93
C GLY C 61 13.07 -10.93 34.86
N ASN C 62 12.93 -12.09 34.19
CA ASN C 62 13.89 -12.46 33.17
C ASN C 62 13.80 -11.57 31.94
N VAL C 63 12.59 -11.18 31.55
CA VAL C 63 12.48 -10.24 30.44
C VAL C 63 13.23 -8.95 30.77
N PHE C 64 13.04 -8.44 31.98
CA PHE C 64 13.74 -7.24 32.41
C PHE C 64 15.25 -7.45 32.42
N LEU C 65 15.71 -8.53 33.05
CA LEU C 65 17.14 -8.83 33.10
C LEU C 65 17.73 -8.92 31.71
N LYS C 66 17.05 -9.63 30.81
CA LYS C 66 17.59 -9.91 29.49
C LYS C 66 17.43 -8.72 28.55
N HIS C 67 16.37 -7.93 28.70
CA HIS C 67 16.01 -6.94 27.68
C HIS C 67 15.73 -5.54 28.20
N GLY C 68 15.67 -5.35 29.51
CA GLY C 68 15.36 -4.05 30.05
C GLY C 68 13.88 -3.73 29.95
N SER C 69 13.58 -2.44 30.14
CA SER C 69 12.24 -1.95 30.39
C SER C 69 11.46 -1.54 29.14
N GLU C 70 12.14 -1.20 28.03
CA GLU C 70 11.52 -0.55 26.89
C GLU C 70 11.18 -1.60 25.83
N LEU C 71 9.89 -1.91 25.68
CA LEU C 71 9.43 -2.95 24.77
C LEU C 71 8.35 -2.42 23.84
N ARG C 72 8.08 -3.17 22.76
CA ARG C 72 7.15 -2.74 21.71
C ARG C 72 6.25 -3.90 21.30
N ILE C 73 4.94 -3.65 21.24
CA ILE C 73 3.97 -4.64 20.76
C ILE C 73 3.82 -4.52 19.26
N ILE C 74 3.88 -5.67 18.57
CA ILE C 74 3.61 -5.73 17.14
C ILE C 74 2.44 -6.67 16.91
N PRO C 75 1.53 -6.37 15.99
CA PRO C 75 0.48 -7.34 15.64
C PRO C 75 1.07 -8.52 14.90
N ARG C 76 0.41 -9.67 15.03
CA ARG C 76 0.66 -10.84 14.19
C ARG C 76 -0.65 -11.17 13.51
N ASP C 77 -0.92 -10.47 12.41
CA ASP C 77 -2.16 -10.65 11.68
C ASP C 77 -2.24 -12.05 11.09
N ARG C 78 -3.37 -12.70 11.33
CA ARG C 78 -3.50 -14.14 11.15
C ARG C 78 -4.05 -14.55 9.79
N VAL C 79 -4.93 -13.77 9.18
CA VAL C 79 -5.47 -14.16 7.89
C VAL C 79 -4.39 -14.04 6.82
N GLY C 80 -4.52 -14.87 5.77
CA GLY C 80 -3.61 -14.93 4.65
C GLY C 80 -3.10 -13.58 4.22
N VAL D 1 13.42 36.73 -3.82
CA VAL D 1 14.67 36.42 -4.49
C VAL D 1 15.19 35.03 -4.11
N SER D 2 14.87 34.52 -2.91
CA SER D 2 15.36 33.20 -2.49
C SER D 2 14.26 32.30 -1.96
N PHE D 3 14.42 30.99 -2.23
CA PHE D 3 13.47 29.95 -1.88
C PHE D 3 14.19 28.74 -1.28
N LYS D 4 13.51 28.07 -0.35
CA LYS D 4 13.86 26.72 0.09
C LYS D 4 12.78 25.76 -0.39
N ILE D 5 13.16 24.83 -1.27
CA ILE D 5 12.19 23.94 -1.91
C ILE D 5 12.45 22.52 -1.42
N THR D 6 11.42 21.90 -0.84
CA THR D 6 11.50 20.58 -0.22
C THR D 6 10.84 19.55 -1.12
N LEU D 7 11.48 18.39 -1.27
CA LEU D 7 10.92 17.27 -2.05
C LEU D 7 10.10 16.40 -1.11
N THR D 8 8.77 16.44 -1.27
CA THR D 8 7.86 15.74 -0.36
C THR D 8 7.86 14.22 -0.55
N SER D 9 8.34 13.73 -1.68
CA SER D 9 8.20 12.31 -2.02
C SER D 9 9.34 11.45 -1.49
N ASP D 10 10.35 12.07 -0.89
CA ASP D 10 11.52 11.42 -0.33
C ASP D 10 11.42 11.44 1.19
N PRO D 11 11.53 10.29 1.86
CA PRO D 11 11.37 10.29 3.33
C PRO D 11 12.33 11.21 4.06
N ARG D 12 13.51 11.51 3.48
CA ARG D 12 14.44 12.39 4.15
C ARG D 12 14.01 13.85 4.09
N LEU D 13 13.01 14.17 3.28
CA LEU D 13 12.57 15.54 3.01
C LEU D 13 13.72 16.48 2.70
N PRO D 14 14.55 16.17 1.69
CA PRO D 14 15.66 17.06 1.37
C PRO D 14 15.15 18.34 0.73
N TYR D 15 15.97 19.39 0.83
CA TYR D 15 15.60 20.68 0.29
C TYR D 15 16.78 21.27 -0.45
N LYS D 16 16.46 22.21 -1.33
CA LYS D 16 17.45 22.99 -2.08
C LYS D 16 17.13 24.46 -1.85
N VAL D 17 18.18 25.26 -1.72
CA VAL D 17 18.03 26.70 -1.56
C VAL D 17 18.43 27.35 -2.86
N LEU D 18 17.48 28.04 -3.49
CA LEU D 18 17.69 28.67 -4.78
C LEU D 18 17.57 30.18 -4.62
N SER D 19 18.51 30.90 -5.23
CA SER D 19 18.52 32.34 -5.30
C SER D 19 18.30 32.74 -6.75
N VAL D 20 17.33 33.61 -7.00
CA VAL D 20 16.84 33.81 -8.35
C VAL D 20 16.41 35.25 -8.58
N PRO D 21 16.68 35.83 -9.76
CA PRO D 21 16.20 37.20 -10.04
C PRO D 21 14.69 37.28 -10.04
N GLU D 22 14.18 38.42 -9.52
CA GLU D 22 12.74 38.62 -9.38
C GLU D 22 11.95 38.33 -10.66
N SER D 23 12.54 38.62 -11.82
CA SER D 23 11.79 38.53 -13.07
C SER D 23 11.78 37.13 -13.67
N THR D 24 12.59 36.21 -13.15
CA THR D 24 12.58 34.84 -13.66
C THR D 24 11.19 34.25 -13.54
N PRO D 25 10.66 33.64 -14.61
CA PRO D 25 9.40 32.88 -14.47
C PRO D 25 9.61 31.71 -13.53
N PHE D 26 8.69 31.54 -12.59
CA PHE D 26 8.88 30.48 -11.60
C PHE D 26 8.88 29.09 -12.22
N THR D 27 8.31 28.94 -13.41
CA THR D 27 8.40 27.66 -14.12
C THR D 27 9.85 27.23 -14.29
N ALA D 28 10.76 28.19 -14.55
CA ALA D 28 12.17 27.85 -14.66
C ALA D 28 12.76 27.46 -13.32
N VAL D 29 12.28 28.05 -12.23
CA VAL D 29 12.75 27.68 -10.90
C VAL D 29 12.30 26.27 -10.55
N LEU D 30 11.04 25.93 -10.85
CA LEU D 30 10.55 24.58 -10.59
C LEU D 30 11.32 23.54 -11.38
N LYS D 31 11.59 23.83 -12.66
CA LYS D 31 12.37 22.93 -13.50
C LYS D 31 13.77 22.72 -12.90
N PHE D 32 14.44 23.81 -12.53
CA PHE D 32 15.78 23.75 -11.95
C PHE D 32 15.79 22.93 -10.67
N ALA D 33 14.79 23.14 -9.81
CA ALA D 33 14.73 22.38 -8.56
C ALA D 33 14.51 20.89 -8.82
N ALA D 34 13.61 20.56 -9.75
CA ALA D 34 13.38 19.15 -10.08
C ALA D 34 14.65 18.51 -10.62
N GLU D 35 15.40 19.25 -11.44
CA GLU D 35 16.65 18.71 -11.97
C GLU D 35 17.66 18.47 -10.86
N GLU D 36 17.73 19.38 -9.88
CA GLU D 36 18.61 19.16 -8.73
C GLU D 36 18.19 17.92 -7.94
N PHE D 37 16.88 17.68 -7.83
CA PHE D 37 16.39 16.50 -7.14
C PHE D 37 16.41 15.24 -8.01
N LYS D 38 16.73 15.37 -9.29
CA LYS D 38 16.64 14.27 -10.26
C LYS D 38 15.26 13.62 -10.25
N VAL D 39 14.23 14.45 -10.29
CA VAL D 39 12.87 13.98 -10.55
C VAL D 39 12.37 14.67 -11.82
N PRO D 40 11.35 14.13 -12.48
CA PRO D 40 10.89 14.71 -13.75
C PRO D 40 10.28 16.09 -13.54
N ALA D 41 10.84 17.08 -14.27
CA ALA D 41 10.31 18.45 -14.18
C ALA D 41 8.89 18.55 -14.71
N ALA D 42 8.61 17.87 -15.84
CA ALA D 42 7.35 18.07 -16.55
C ALA D 42 6.15 17.75 -15.68
N THR D 43 6.27 16.75 -14.81
CA THR D 43 5.16 16.29 -13.97
C THR D 43 5.24 16.82 -12.54
N SER D 44 6.19 17.69 -12.24
CA SER D 44 6.31 18.26 -10.90
C SER D 44 5.35 19.43 -10.73
N ALA D 45 4.79 19.55 -9.52
CA ALA D 45 3.98 20.69 -9.13
C ALA D 45 4.50 21.21 -7.80
N ILE D 46 4.00 22.35 -7.37
CA ILE D 46 4.58 23.05 -6.23
C ILE D 46 3.48 23.63 -5.35
N ILE D 47 3.63 23.47 -4.03
CA ILE D 47 2.69 23.95 -3.03
C ILE D 47 3.45 24.71 -1.96
N THR D 48 2.69 25.42 -1.12
CA THR D 48 3.27 26.11 0.02
C THR D 48 3.46 25.15 1.19
N ASN D 49 4.15 25.65 2.22
CA ASN D 49 4.31 24.87 3.46
C ASN D 49 2.95 24.53 4.07
N ASP D 50 1.98 25.43 3.94
CA ASP D 50 0.61 25.19 4.39
C ASP D 50 -0.19 24.26 3.47
N GLY D 51 0.37 23.86 2.34
CA GLY D 51 -0.33 23.01 1.41
C GLY D 51 -1.18 23.70 0.37
N ILE D 52 -0.99 25.00 0.17
CA ILE D 52 -1.76 25.74 -0.84
C ILE D 52 -1.11 25.55 -2.20
N GLY D 53 -1.92 25.17 -3.19
CA GLY D 53 -1.40 24.97 -4.52
C GLY D 53 -0.99 26.29 -5.17
N ILE D 54 0.07 26.21 -5.98
CA ILE D 54 0.64 27.37 -6.66
C ILE D 54 0.66 27.11 -8.15
N ASN D 55 0.24 28.09 -8.93
CA ASN D 55 0.44 28.03 -10.38
C ASN D 55 1.80 28.63 -10.70
N PRO D 56 2.78 27.84 -11.15
CA PRO D 56 4.13 28.32 -11.39
C PRO D 56 4.27 29.37 -12.48
N ALA D 57 3.27 29.58 -13.31
CA ALA D 57 3.34 30.50 -14.44
C ALA D 57 3.14 31.94 -13.96
N GLN D 58 4.11 32.41 -13.19
CA GLN D 58 4.19 33.79 -12.73
C GLN D 58 5.63 34.03 -12.30
N THR D 59 5.96 35.30 -12.05
CA THR D 59 7.35 35.63 -11.75
C THR D 59 7.74 35.10 -10.38
N ALA D 60 9.05 34.83 -10.23
CA ALA D 60 9.58 34.44 -8.93
C ALA D 60 9.31 35.51 -7.89
N GLY D 61 9.49 36.79 -8.26
CA GLY D 61 9.13 37.87 -7.38
C GLY D 61 7.72 37.75 -6.84
N ASN D 62 6.76 37.45 -7.72
CA ASN D 62 5.37 37.39 -7.30
C ASN D 62 5.09 36.16 -6.45
N VAL D 63 5.72 35.03 -6.77
CA VAL D 63 5.60 33.85 -5.91
C VAL D 63 6.13 34.19 -4.51
N PHE D 64 7.28 34.84 -4.45
CA PHE D 64 7.84 35.19 -3.15
C PHE D 64 6.90 36.12 -2.39
N LEU D 65 6.43 37.18 -3.04
CA LEU D 65 5.51 38.11 -2.39
C LEU D 65 4.26 37.41 -1.88
N LYS D 66 3.66 36.53 -2.71
CA LYS D 66 2.40 35.90 -2.33
C LYS D 66 2.59 34.77 -1.33
N HIS D 67 3.70 34.03 -1.41
CA HIS D 67 3.81 32.79 -0.66
C HIS D 67 5.08 32.67 0.17
N GLY D 68 6.04 33.57 0.02
CA GLY D 68 7.26 33.43 0.78
C GLY D 68 8.20 32.37 0.23
N SER D 69 9.13 31.98 1.11
CA SER D 69 10.33 31.23 0.75
C SER D 69 10.15 29.72 0.76
N GLU D 70 9.20 29.21 1.54
CA GLU D 70 9.11 27.79 1.88
C GLU D 70 8.13 27.09 0.95
N LEU D 71 8.66 26.34 -0.01
CA LEU D 71 7.81 25.66 -0.98
C LEU D 71 8.15 24.17 -1.02
N ARG D 72 7.22 23.39 -1.58
CA ARG D 72 7.32 21.93 -1.59
C ARG D 72 6.93 21.41 -2.95
N ILE D 73 7.76 20.54 -3.51
CA ILE D 73 7.48 19.88 -4.78
C ILE D 73 6.69 18.61 -4.50
N ILE D 74 5.59 18.41 -5.24
CA ILE D 74 4.83 17.18 -5.18
C ILE D 74 4.83 16.57 -6.58
N PRO D 75 4.94 15.25 -6.70
CA PRO D 75 4.80 14.64 -8.03
C PRO D 75 3.35 14.71 -8.49
N ARG D 76 3.18 14.72 -9.80
CA ARG D 76 1.86 14.57 -10.43
C ARG D 76 1.98 13.36 -11.34
N ASP D 77 1.83 12.15 -10.76
CA ASP D 77 1.98 10.94 -11.53
C ASP D 77 0.91 10.85 -12.61
N ARG D 78 1.35 10.56 -13.84
CA ARG D 78 0.51 10.75 -15.02
C ARG D 78 -0.22 9.49 -15.48
N VAL D 79 0.38 8.30 -15.31
CA VAL D 79 -0.30 7.07 -15.70
C VAL D 79 -1.46 6.80 -14.74
N GLY D 80 -2.40 5.96 -15.18
CA GLY D 80 -3.70 5.79 -14.54
C GLY D 80 -3.90 5.99 -13.05
P AMP E . -7.00 -16.38 2.86
O1P AMP E . -7.21 -16.34 4.34
O2P AMP E . -8.27 -16.16 2.05
O3P AMP E . -5.81 -15.58 2.37
O5' AMP E . -6.63 -17.90 2.57
C5' AMP E . -5.38 -18.45 2.96
C4' AMP E . -5.11 -19.75 2.23
O4' AMP E . -4.13 -20.54 2.95
C3' AMP E . -6.35 -20.64 2.08
O3' AMP E . -6.59 -20.91 0.70
C2' AMP E . -5.97 -21.95 2.80
O2' AMP E . -6.45 -23.12 2.18
C1' AMP E . -4.45 -21.90 2.80
N9 AMP E . -3.84 -22.69 3.86
C8 AMP E . -4.00 -22.55 5.19
N7 AMP E . -3.30 -23.49 5.87
C5 AMP E . -2.69 -24.28 4.97
C6 AMP E . -1.81 -25.47 5.01
N6 AMP E . -1.43 -26.02 6.18
N1 AMP E . -1.41 -26.00 3.82
C2 AMP E . -1.79 -25.46 2.65
N3 AMP E . -2.59 -24.39 2.54
C4 AMP E . -3.06 -23.76 3.65
ZN ZN F . 13.99 -17.60 15.74
ZN ZN G . -8.52 25.11 -7.92
#